data_9F43
#
_entry.id   9F43
#
_cell.length_a   1.00
_cell.length_b   1.00
_cell.length_c   1.00
_cell.angle_alpha   90.00
_cell.angle_beta   90.00
_cell.angle_gamma   90.00
#
_symmetry.space_group_name_H-M   'P 1'
#
loop_
_entity.id
_entity.type
_entity.pdbx_description
1 polymer 'Regulatory-associated protein of mTOR'
2 polymer 'Lateral signaling target protein 2 homolog'
#
loop_
_entity_poly.entity_id
_entity_poly.type
_entity_poly.pdbx_seq_one_letter_code
_entity_poly.pdbx_strand_id
1 'polypeptide(L)'
;HHHHHHHHHHEQKLISEEDLDYKDDDDKMESEMLQSPLLGLGEEDEADLTDWNLPLAFMKKRHCEKIEGSKSLAQSWRMK
DRMKTVSVALVLCLNVGVDPPDVVKTTPCARLECWIDPLSMGPQKALETIGANLQKQYENWQPRARYKQSLDPTVDEVKK
LCTSLRRNAKEERVLFHYNGHGVPRPTVNGEVWVFNKNYTQYIPLSIYDLQTWMGSPSIFVYDCSNAGLIVKSFKQFALQ
REQELEVAAINPNHPLAQMPLPPSMKNCIQLAACEATELLPMIPDLPADLFTSCLTTPIKIALRWFCMQKCVSLVPGVTL
DLIEKIPGRLNDRRTPLGELNWIFTAITDTIAWNVLPRDLFQKLFRQDLLVASLFRNFLLAERIMRSYNCTPVSSPRLPP
TYMHAMWQAWDLAVDICLSQLPTIIEEGTAFRHSPFFAEQLTAFQVWLTMGVENRNPPEQLPIVLQVLLSQVHRLRALDL
LGRFLDLGPWAVSLALSVGIFPYVLKLLQSSARELRPLLVFIWAKILAVDSSCQADLVKDNGHKYFLSVLADPYMPAEHR
TMTAFILAVIVNSYHTGQEACLQGNLIAICLEQLNDPHPLLRQWVAICLGRIWQNFDSARWCGVRDSAHEKLYSLLSDPI
PEVRCAAVFALGTFVGNSAERTDHSTTIDHNVAMMLAQLVSDGSPMVRKELVVALSHLVVQYESNFCTVALQFIEEEKNY
ALPSPATTEGGSLTPVRDSPCTPRLRSVSSYGNIRAVATARSLNKSLQNLSLTEESGGAVAFSPGNLSTSSSASSTLGSP
ENEEHILSFETIDKMRRASSYSSLNSLIGVSFNSVYTQIWRVLLHLAADPYPEVSDVAMKVLNSIAYKATVNARPQRVLD
TSSLTQSAPASPTNKGVHIHQAGGSPPASSTSSSSLTNDVAKQPVSRDLPSGRPGTTGPAGAQYTPHSHQFPRTRKMFDK
GPEQTADDADDAAGHKSFISATVQTGFCDWSARYFAQPVMKIPEEHDLESQIRKEREWRFLRNSRVRRQAQQVIQKGITR
LDDQIFLNRNPGVPSVVKFHPFTPCIAVADKDSICFWDWEKGEKLDYFHNGNPRYTRVTAMEYLNGQDCSLLLTATDDGA
IRVWKNFADLEKNPEMVTAWQGLSDMLPTTRGAGMVVDWEQETGLLMSSGDVRIVRIWDTDREMKVQDIPTGADSCVTSL
SCDSHRSLIVAGLGDGSIRVYDRRMALSECRVMTYREHTAWVVKASLQKRPDGHIVSVSVNGDVRIFDPRMPESVNVLQI
VKGLTALDIHPQADLIACGSVNQFTAIYNSSGELINNIKYYDGFMGQRVGAISCLAFHPHWPHLAVGSNDYYISVYSVEK
RVR
;
E
2 'polypeptide(L)'
;MMNRFRKWLYKPKRSDPQLLARFYYADEELNQVAAELDSLDGRKDPQRCTLLVSQFRSCQDNVLNIINQIMDECIPQDRA
PRDFCVKFPEEIRHDNLAGQLWFGAECLAAGSIIMNRELESMAMRPLAKELTRSLEDVRGALRDQALRDLNTYTEKMREA
LRHFDVLFAEFELSYVSAMVPVKSPREYYVQQEVIVLFCETVERALDFGYLTQDMIDDYEPALMFSIPRLAIVCGLVVYA
DGPLNLDRKVEDMSELFRPFHTLLRKIRDLLQTLTEEELHTLERNLCISQDVEFPIRADVQGPAALAPALSAPLPPEGPL
SAKAKDPDAELACSMQYDDQELEQLSRMVHRAGDEMSSLLSPPIACQSPAHRPGAEGSPGGEASPGRPRLRSGSDEEERV
FFMDDVEGTAEALARPESPAGPFGWAGSTWADPQEKGQGGPGGAAGISLPASEKEEDLSNNNLEAEGTDGASLAGTSSCS
CLDSRLHLDGWEVGADDAETAEMIAHRTGGMKLSATVIFNPKSPTSLDSAVATQEAASEPVAEGMDGGPHKLSTGATNCL
LHSCVCCGSCGDSREDVVERLREKCSPGGVIGASYAAGLAKASDRAPERQEEAPPPSEDASNGREPKAPTSDKCLPHTSG
SQVDTASGLQGEAGVAGQQEPEARELHAGSPSAHEAPQALSGSSSSTAGSCSSDKMGPEAAPAATHAAPQATREKIRSRF
HGSHDLIHRLFVCISGVADQLQTNYASDLRSILKTLFEVMATKPETDDKEKLRKVTQTLRSAALEDCALCQETLSSSELA
AKTRDGDFEDPPEWVPDEACGFCTACKAPFTVIRRKHHCRSCGKIFCSRCSSHSAPLPRYGQVKPVRVCTHCYMFHVTPF
YSDKAGL
;
G
#
# COMPACT_ATOMS: atom_id res chain seq x y z
N GLU A 46 7.35 21.50 35.17
CA GLU A 46 8.14 21.98 34.04
C GLU A 46 7.24 22.41 32.89
N ALA A 47 7.85 22.93 31.83
CA ALA A 47 7.11 23.44 30.67
C ALA A 47 7.09 22.44 29.51
N ASP A 48 7.60 21.22 29.74
CA ASP A 48 7.64 20.23 28.66
C ASP A 48 6.24 19.74 28.30
N LEU A 49 5.38 19.54 29.30
CA LEU A 49 4.04 19.01 29.03
C LEU A 49 3.27 19.92 28.08
N THR A 50 3.49 21.23 28.17
CA THR A 50 2.78 22.15 27.29
C THR A 50 3.12 21.89 25.84
N ASP A 51 4.40 21.69 25.53
CA ASP A 51 4.80 21.47 24.15
C ASP A 51 4.24 20.17 23.60
N TRP A 52 4.25 19.11 24.41
CA TRP A 52 3.84 17.79 23.91
C TRP A 52 2.37 17.79 23.50
N ASN A 53 1.50 18.39 24.31
CA ASN A 53 0.06 18.36 24.04
C ASN A 53 -0.39 19.55 23.20
N LEU A 54 0.27 19.74 22.05
CA LEU A 54 -0.08 20.79 21.10
C LEU A 54 -0.32 20.16 19.73
N PRO A 55 -1.53 20.19 19.18
CA PRO A 55 -1.73 19.62 17.84
C PRO A 55 -0.85 20.30 16.81
N LEU A 56 -0.35 19.51 15.87
CA LEU A 56 0.52 20.00 14.80
C LEU A 56 -0.36 20.24 13.57
N ALA A 57 -0.66 21.51 13.31
CA ALA A 57 -1.52 21.85 12.18
C ALA A 57 -0.82 21.57 10.86
N PHE A 58 -1.58 21.05 9.90
CA PHE A 58 -1.06 20.78 8.55
C PHE A 58 0.16 19.86 8.60
N MET A 59 0.12 18.86 9.48
CA MET A 59 1.15 17.82 9.57
C MET A 59 0.44 16.47 9.54
N LYS A 60 0.17 15.98 8.32
CA LYS A 60 -0.52 14.72 8.12
C LYS A 60 -0.09 14.13 6.79
N LYS A 61 -0.64 12.96 6.45
CA LYS A 61 -0.29 12.30 5.20
C LYS A 61 -0.64 13.16 4.00
N ARG A 62 -1.85 13.73 4.00
CA ARG A 62 -2.30 14.51 2.85
C ARG A 62 -1.47 15.76 2.63
N HIS A 63 -0.80 16.27 3.67
CA HIS A 63 0.02 17.47 3.54
C HIS A 63 1.47 17.15 3.20
N CYS A 64 2.04 16.11 3.81
CA CYS A 64 3.42 15.77 3.56
C CYS A 64 3.58 15.06 2.21
N GLU A 65 2.94 13.92 2.05
CA GLU A 65 3.06 13.16 0.81
C GLU A 65 2.30 13.84 -0.32
N LYS A 66 2.88 13.83 -1.50
CA LYS A 66 2.20 14.36 -2.68
C LYS A 66 1.04 13.46 -3.06
N ILE A 67 -0.08 14.06 -3.45
CA ILE A 67 -1.31 13.33 -3.75
C ILE A 67 -1.16 12.76 -5.16
N GLU A 68 -0.74 11.50 -5.25
CA GLU A 68 -0.60 10.83 -6.54
C GLU A 68 -0.71 9.33 -6.31
N GLY A 69 -1.00 8.61 -7.40
CA GLY A 69 -1.14 7.17 -7.32
C GLY A 69 0.20 6.47 -7.45
N SER A 70 0.37 5.43 -6.64
CA SER A 70 1.60 4.64 -6.70
C SER A 70 1.66 3.86 -8.00
N LYS A 71 2.80 3.94 -8.68
CA LYS A 71 2.96 3.24 -9.94
C LYS A 71 2.82 1.73 -9.74
N SER A 72 2.03 1.10 -10.60
CA SER A 72 1.80 -0.34 -10.51
C SER A 72 3.01 -1.10 -11.06
N LEU A 73 3.50 -2.05 -10.28
CA LEU A 73 4.63 -2.86 -10.72
C LEU A 73 4.18 -3.90 -11.74
N ALA A 74 5.14 -4.39 -12.51
CA ALA A 74 4.89 -5.42 -13.53
C ALA A 74 4.70 -6.75 -12.81
N GLN A 75 3.44 -7.12 -12.57
CA GLN A 75 3.13 -8.36 -11.86
C GLN A 75 3.24 -9.54 -12.82
N SER A 76 4.26 -10.36 -12.64
CA SER A 76 4.51 -11.52 -13.50
C SER A 76 4.13 -12.84 -12.83
N TRP A 77 3.48 -12.80 -11.67
CA TRP A 77 3.09 -14.03 -10.99
C TRP A 77 2.04 -14.81 -11.77
N ARG A 78 1.38 -14.19 -12.75
CA ARG A 78 0.38 -14.88 -13.54
C ARG A 78 1.02 -16.03 -14.30
N MET A 79 0.32 -17.16 -14.35
CA MET A 79 0.77 -18.31 -15.13
C MET A 79 0.48 -18.06 -16.60
N LYS A 80 1.49 -18.29 -17.44
CA LYS A 80 1.35 -17.95 -18.86
C LYS A 80 0.39 -18.92 -19.56
N ASP A 81 0.49 -20.21 -19.25
CA ASP A 81 -0.36 -21.21 -19.88
C ASP A 81 -0.53 -22.38 -18.93
N ARG A 82 -1.57 -23.16 -19.16
CA ARG A 82 -1.88 -24.34 -18.35
C ARG A 82 -1.81 -25.57 -19.25
N MET A 83 -0.70 -26.29 -19.18
CA MET A 83 -0.56 -27.55 -19.91
C MET A 83 -1.24 -28.68 -19.15
N LYS A 84 -1.57 -29.74 -19.88
CA LYS A 84 -2.22 -30.91 -19.31
C LYS A 84 -1.66 -32.15 -19.97
N THR A 85 -1.39 -33.18 -19.17
CA THR A 85 -0.92 -34.46 -19.69
C THR A 85 -2.14 -35.29 -20.05
N VAL A 86 -2.68 -35.05 -21.26
CA VAL A 86 -3.91 -35.72 -21.67
C VAL A 86 -3.70 -37.22 -21.75
N SER A 87 -2.54 -37.65 -22.27
CA SER A 87 -2.25 -39.06 -22.46
C SER A 87 -0.88 -39.39 -21.90
N VAL A 88 -0.70 -40.65 -21.51
CA VAL A 88 0.55 -41.16 -20.97
C VAL A 88 0.88 -42.46 -21.69
N ALA A 89 2.14 -42.60 -22.12
CA ALA A 89 2.61 -43.78 -22.80
C ALA A 89 3.55 -44.55 -21.88
N LEU A 90 3.22 -45.82 -21.64
CA LEU A 90 4.02 -46.68 -20.76
C LEU A 90 4.62 -47.79 -21.61
N VAL A 91 5.91 -47.65 -21.91
CA VAL A 91 6.66 -48.65 -22.68
C VAL A 91 7.53 -49.41 -21.69
N LEU A 92 7.25 -50.70 -21.52
CA LEU A 92 7.91 -51.53 -20.51
C LEU A 92 8.65 -52.67 -21.22
N CYS A 93 9.95 -52.48 -21.43
CA CYS A 93 10.80 -53.53 -22.00
C CYS A 93 11.50 -54.30 -20.91
N LEU A 94 10.71 -54.94 -20.05
CA LEU A 94 11.25 -55.62 -18.88
C LEU A 94 11.91 -56.94 -19.22
N ASN A 95 11.47 -57.62 -20.28
CA ASN A 95 12.03 -58.91 -20.69
C ASN A 95 12.06 -59.88 -19.52
N VAL A 96 10.86 -60.18 -19.01
CA VAL A 96 10.74 -61.07 -17.86
C VAL A 96 11.18 -62.47 -18.25
N GLY A 97 11.98 -63.09 -17.38
CA GLY A 97 12.42 -64.45 -17.57
C GLY A 97 13.74 -64.61 -18.31
N VAL A 98 14.25 -63.55 -18.92
CA VAL A 98 15.51 -63.60 -19.65
C VAL A 98 16.36 -62.41 -19.22
N ASP A 99 17.62 -62.67 -18.90
CA ASP A 99 18.54 -61.62 -18.46
C ASP A 99 19.31 -61.05 -19.64
N PRO A 100 19.44 -59.73 -19.75
CA PRO A 100 20.19 -59.15 -20.88
C PRO A 100 21.63 -59.63 -20.87
N PRO A 101 22.22 -59.89 -22.05
CA PRO A 101 23.62 -60.34 -22.06
C PRO A 101 24.59 -59.31 -21.50
N ASP A 102 24.27 -58.02 -21.58
CA ASP A 102 25.24 -57.00 -21.22
C ASP A 102 25.62 -57.09 -19.74
N VAL A 103 24.65 -57.31 -18.87
CA VAL A 103 24.86 -57.32 -17.42
C VAL A 103 24.61 -58.74 -16.91
N VAL A 104 25.59 -59.28 -16.19
CA VAL A 104 25.47 -60.59 -15.56
C VAL A 104 24.92 -60.38 -14.16
N LYS A 105 23.62 -60.61 -13.98
CA LYS A 105 22.99 -60.40 -12.70
C LYS A 105 23.50 -61.40 -11.67
N THR A 106 23.55 -60.96 -10.41
CA THR A 106 23.95 -61.84 -9.33
C THR A 106 22.85 -62.86 -9.04
N THR A 107 23.20 -63.89 -8.26
CA THR A 107 22.21 -64.91 -7.92
C THR A 107 21.01 -64.32 -7.19
N PRO A 108 21.15 -63.48 -6.16
CA PRO A 108 19.97 -62.87 -5.54
C PRO A 108 19.42 -61.73 -6.36
N CYS A 109 20.32 -60.93 -6.95
CA CYS A 109 19.94 -59.82 -7.82
C CYS A 109 18.88 -58.93 -7.19
N ALA A 110 18.17 -58.18 -8.02
CA ALA A 110 17.04 -57.34 -7.59
C ALA A 110 15.85 -57.70 -8.47
N ARG A 111 14.83 -58.31 -7.88
CA ARG A 111 13.72 -58.88 -8.65
C ARG A 111 12.42 -58.09 -8.46
N LEU A 112 12.45 -56.95 -7.76
CA LEU A 112 11.25 -56.18 -7.49
C LEU A 112 11.09 -55.08 -8.53
N GLU A 113 10.08 -55.23 -9.39
CA GLU A 113 9.71 -54.21 -10.37
C GLU A 113 8.30 -53.76 -10.06
N CYS A 114 8.13 -52.46 -9.82
CA CYS A 114 6.82 -51.88 -9.49
C CYS A 114 6.20 -52.62 -8.30
N TRP A 115 7.04 -52.97 -7.33
CA TRP A 115 6.60 -53.69 -6.13
C TRP A 115 5.94 -55.02 -6.48
N ILE A 116 6.48 -55.71 -7.49
CA ILE A 116 5.98 -57.01 -7.92
C ILE A 116 7.16 -57.91 -8.23
N ASP A 117 7.05 -59.18 -7.85
CA ASP A 117 8.09 -60.16 -8.11
C ASP A 117 7.72 -60.97 -9.35
N PRO A 118 8.31 -60.67 -10.51
CA PRO A 118 7.84 -61.31 -11.75
C PRO A 118 7.97 -62.83 -11.77
N LEU A 119 9.02 -63.39 -11.17
CA LEU A 119 9.31 -64.80 -11.35
C LEU A 119 8.30 -65.71 -10.67
N SER A 120 7.43 -65.17 -9.82
CA SER A 120 6.55 -66.03 -9.03
C SER A 120 5.21 -66.28 -9.70
N MET A 121 4.90 -65.57 -10.79
CA MET A 121 3.56 -65.61 -11.38
C MET A 121 3.59 -65.74 -12.91
N GLY A 122 4.68 -66.24 -13.47
CA GLY A 122 4.76 -66.47 -14.90
C GLY A 122 5.12 -65.22 -15.67
N PRO A 123 5.69 -65.39 -16.87
CA PRO A 123 6.18 -64.24 -17.62
C PRO A 123 5.10 -63.28 -18.09
N GLN A 124 4.13 -63.78 -18.86
CA GLN A 124 3.12 -62.90 -19.45
C GLN A 124 2.22 -62.29 -18.38
N LYS A 125 1.76 -63.11 -17.43
CA LYS A 125 0.93 -62.60 -16.35
C LYS A 125 1.68 -61.55 -15.54
N ALA A 126 2.95 -61.81 -15.22
CA ALA A 126 3.74 -60.86 -14.46
C ALA A 126 3.90 -59.55 -15.22
N LEU A 127 4.17 -59.63 -16.53
CA LEU A 127 4.33 -58.43 -17.32
C LEU A 127 3.04 -57.61 -17.34
N GLU A 128 1.90 -58.29 -17.53
CA GLU A 128 0.62 -57.58 -17.57
C GLU A 128 0.32 -56.91 -16.23
N THR A 129 0.54 -57.62 -15.12
CA THR A 129 0.22 -57.04 -13.82
C THR A 129 1.18 -55.89 -13.49
N ILE A 130 2.44 -56.00 -13.92
CA ILE A 130 3.37 -54.90 -13.71
C ILE A 130 2.92 -53.67 -14.49
N GLY A 131 2.49 -53.86 -15.73
CA GLY A 131 1.95 -52.74 -16.48
C GLY A 131 0.75 -52.10 -15.79
N ALA A 132 -0.17 -52.95 -15.32
CA ALA A 132 -1.37 -52.42 -14.65
C ALA A 132 -1.00 -51.69 -13.36
N ASN A 133 -0.04 -52.23 -12.60
CA ASN A 133 0.38 -51.59 -11.36
C ASN A 133 1.04 -50.25 -11.62
N LEU A 134 1.87 -50.16 -12.67
CA LEU A 134 2.48 -48.89 -13.01
C LEU A 134 1.41 -47.89 -13.45
N GLN A 135 0.41 -48.35 -14.21
CA GLN A 135 -0.68 -47.45 -14.59
C GLN A 135 -1.42 -46.95 -13.37
N LYS A 136 -1.66 -47.82 -12.39
CA LYS A 136 -2.30 -47.39 -11.15
C LYS A 136 -1.45 -46.36 -10.41
N GLN A 137 -0.14 -46.61 -10.34
CA GLN A 137 0.74 -45.69 -9.63
C GLN A 137 0.73 -44.32 -10.30
N TYR A 138 0.75 -44.27 -11.64
CA TYR A 138 0.71 -42.99 -12.32
C TYR A 138 -0.65 -42.32 -12.19
N GLU A 139 -1.73 -43.12 -12.21
CA GLU A 139 -3.07 -42.58 -11.97
C GLU A 139 -3.18 -41.97 -10.58
N ASN A 140 -2.39 -42.45 -9.62
CA ASN A 140 -2.41 -41.86 -8.29
C ASN A 140 -2.13 -40.36 -8.35
N TRP A 141 -1.35 -39.92 -9.32
CA TRP A 141 -1.00 -38.51 -9.48
C TRP A 141 -1.83 -37.80 -10.55
N GLN A 142 -2.12 -38.47 -11.66
CA GLN A 142 -2.91 -37.91 -12.76
C GLN A 142 -4.01 -38.91 -13.10
N PRO A 143 -5.07 -38.96 -12.29
CA PRO A 143 -6.12 -39.96 -12.54
C PRO A 143 -6.77 -39.85 -13.91
N ARG A 144 -6.87 -38.64 -14.47
CA ARG A 144 -7.57 -38.42 -15.73
C ARG A 144 -6.53 -38.28 -16.83
N ALA A 145 -6.21 -39.40 -17.48
CA ALA A 145 -5.30 -39.40 -18.62
C ALA A 145 -5.43 -40.74 -19.32
N ARG A 146 -5.28 -40.72 -20.65
CA ARG A 146 -5.40 -41.93 -21.46
C ARG A 146 -4.09 -42.70 -21.38
N TYR A 147 -4.07 -43.73 -20.53
CA TYR A 147 -2.90 -44.58 -20.39
C TYR A 147 -2.98 -45.73 -21.38
N LYS A 148 -1.95 -45.85 -22.21
CA LYS A 148 -1.85 -46.92 -23.22
C LYS A 148 -0.55 -47.67 -22.98
N GLN A 149 -0.63 -48.79 -22.26
CA GLN A 149 0.55 -49.56 -21.95
C GLN A 149 1.05 -50.32 -23.17
N SER A 150 2.37 -50.42 -23.30
CA SER A 150 3.01 -51.21 -24.33
C SER A 150 4.01 -52.16 -23.67
N LEU A 151 3.75 -53.45 -23.77
CA LEU A 151 4.51 -54.48 -23.05
C LEU A 151 5.43 -55.17 -24.05
N ASP A 152 6.73 -54.93 -23.93
CA ASP A 152 7.73 -55.47 -24.84
C ASP A 152 7.31 -55.24 -26.30
N PRO A 153 7.16 -53.99 -26.71
CA PRO A 153 6.65 -53.71 -28.06
C PRO A 153 7.76 -53.75 -29.10
N THR A 154 7.33 -53.71 -30.36
CA THR A 154 8.21 -53.60 -31.50
C THR A 154 8.23 -52.15 -31.99
N VAL A 155 9.26 -51.81 -32.77
CA VAL A 155 9.42 -50.44 -33.24
C VAL A 155 8.14 -49.95 -33.91
N ASP A 156 7.51 -50.81 -34.71
CA ASP A 156 6.25 -50.43 -35.36
C ASP A 156 5.15 -50.17 -34.33
N GLU A 157 5.07 -51.00 -33.29
CA GLU A 157 4.06 -50.82 -32.27
C GLU A 157 4.24 -49.49 -31.54
N VAL A 158 5.48 -49.16 -31.17
CA VAL A 158 5.75 -47.89 -30.51
C VAL A 158 5.45 -46.73 -31.46
N LYS A 159 5.79 -46.88 -32.74
CA LYS A 159 5.45 -45.87 -33.73
C LYS A 159 3.96 -45.59 -33.74
N LYS A 160 3.15 -46.65 -33.86
CA LYS A 160 1.71 -46.47 -33.91
C LYS A 160 1.18 -45.86 -32.62
N LEU A 161 1.68 -46.32 -31.47
CA LEU A 161 1.21 -45.79 -30.20
C LEU A 161 1.50 -44.31 -30.09
N CYS A 162 2.75 -43.91 -30.36
CA CYS A 162 3.13 -42.51 -30.23
C CYS A 162 2.37 -41.64 -31.23
N THR A 163 2.21 -42.11 -32.47
CA THR A 163 1.47 -41.32 -33.45
C THR A 163 0.02 -41.15 -33.04
N SER A 164 -0.61 -42.21 -32.56
CA SER A 164 -2.00 -42.11 -32.12
C SER A 164 -2.15 -41.16 -30.95
N LEU A 165 -1.24 -41.24 -29.97
CA LEU A 165 -1.32 -40.35 -28.83
C LEU A 165 -1.10 -38.90 -29.25
N ARG A 166 -0.14 -38.66 -30.15
CA ARG A 166 0.09 -37.30 -30.62
C ARG A 166 -1.12 -36.76 -31.37
N ARG A 167 -1.74 -37.59 -32.21
CA ARG A 167 -2.94 -37.17 -32.91
C ARG A 167 -4.07 -36.85 -31.92
N ASN A 168 -4.21 -37.67 -30.88
CA ASN A 168 -5.25 -37.42 -29.89
C ASN A 168 -5.02 -36.09 -29.18
N ALA A 169 -3.77 -35.79 -28.81
CA ALA A 169 -3.41 -34.58 -28.08
C ALA A 169 -2.28 -33.89 -28.85
N LYS A 170 -2.65 -33.00 -29.78
CA LYS A 170 -1.64 -32.37 -30.62
C LYS A 170 -0.92 -31.23 -29.91
N GLU A 171 -1.58 -30.55 -28.97
CA GLU A 171 -1.00 -29.39 -28.29
C GLU A 171 -0.96 -29.55 -26.78
N GLU A 172 -1.01 -30.78 -26.27
CA GLU A 172 -0.96 -31.04 -24.84
C GLU A 172 0.14 -32.05 -24.55
N ARG A 173 0.66 -31.99 -23.33
CA ARG A 173 1.77 -32.85 -22.94
C ARG A 173 1.37 -34.32 -23.03
N VAL A 174 2.33 -35.14 -23.45
CA VAL A 174 2.17 -36.59 -23.50
C VAL A 174 3.37 -37.21 -22.81
N LEU A 175 3.12 -37.97 -21.75
CA LEU A 175 4.19 -38.60 -20.97
C LEU A 175 4.61 -39.90 -21.65
N PHE A 176 5.91 -40.04 -21.87
CA PHE A 176 6.50 -41.25 -22.45
C PHE A 176 7.38 -41.91 -21.40
N HIS A 177 6.96 -43.07 -20.93
CA HIS A 177 7.69 -43.82 -19.91
C HIS A 177 8.36 -45.02 -20.56
N TYR A 178 9.66 -45.18 -20.31
CA TYR A 178 10.44 -46.27 -20.87
C TYR A 178 11.19 -47.00 -19.78
N ASN A 179 11.23 -48.33 -19.87
CA ASN A 179 11.95 -49.18 -18.92
C ASN A 179 12.90 -50.06 -19.73
N GLY A 180 14.19 -49.79 -19.62
CA GLY A 180 15.19 -50.54 -20.37
C GLY A 180 15.90 -51.56 -19.51
N HIS A 181 15.19 -52.12 -18.53
CA HIS A 181 15.79 -53.11 -17.63
C HIS A 181 16.04 -54.44 -18.32
N GLY A 182 15.16 -54.82 -19.25
CA GLY A 182 15.27 -56.08 -19.96
C GLY A 182 15.94 -55.99 -21.32
N VAL A 183 16.61 -54.90 -21.63
CA VAL A 183 17.24 -54.72 -22.95
C VAL A 183 18.64 -54.18 -22.74
N PRO A 184 19.52 -54.35 -23.73
CA PRO A 184 20.90 -53.85 -23.58
C PRO A 184 20.93 -52.34 -23.46
N ARG A 185 22.04 -51.84 -22.93
CA ARG A 185 22.17 -50.43 -22.64
C ARG A 185 22.14 -49.61 -23.94
N PRO A 186 21.64 -48.39 -23.89
CA PRO A 186 21.69 -47.53 -25.08
C PRO A 186 23.12 -47.27 -25.52
N THR A 187 23.32 -47.16 -26.82
CA THR A 187 24.64 -46.91 -27.38
C THR A 187 24.87 -45.42 -27.60
N VAL A 188 26.13 -45.05 -27.79
CA VAL A 188 26.49 -43.65 -27.99
C VAL A 188 25.82 -43.10 -29.24
N ASN A 189 25.49 -43.96 -30.20
CA ASN A 189 24.89 -43.49 -31.45
C ASN A 189 23.50 -42.88 -31.23
N GLY A 190 22.89 -43.12 -30.07
CA GLY A 190 21.58 -42.56 -29.79
C GLY A 190 20.45 -43.46 -30.23
N GLU A 191 20.46 -44.70 -29.77
CA GLU A 191 19.42 -45.67 -30.08
C GLU A 191 18.96 -46.35 -28.81
N VAL A 192 17.69 -46.76 -28.82
CA VAL A 192 17.08 -47.48 -27.71
C VAL A 192 16.61 -48.84 -28.23
N TRP A 193 16.86 -49.88 -27.44
CA TRP A 193 16.64 -51.24 -27.90
C TRP A 193 15.27 -51.75 -27.48
N VAL A 194 14.56 -52.35 -28.44
CA VAL A 194 13.27 -52.98 -28.21
C VAL A 194 13.31 -54.36 -28.85
N PHE A 195 12.18 -55.07 -28.74
CA PHE A 195 12.09 -56.46 -29.17
C PHE A 195 11.48 -56.58 -30.55
N ASN A 196 11.83 -57.65 -31.26
CA ASN A 196 11.23 -57.97 -32.54
C ASN A 196 9.98 -58.82 -32.31
N LYS A 197 9.36 -59.29 -33.40
CA LYS A 197 8.13 -60.06 -33.28
C LYS A 197 8.37 -61.37 -32.53
N ASN A 198 9.44 -62.08 -32.86
CA ASN A 198 9.71 -63.40 -32.30
C ASN A 198 10.48 -63.34 -30.98
N TYR A 199 10.84 -62.15 -30.51
CA TYR A 199 11.55 -61.99 -29.23
C TYR A 199 12.88 -62.77 -29.25
N THR A 200 13.54 -62.79 -30.39
CA THR A 200 14.82 -63.47 -30.54
C THR A 200 16.02 -62.53 -30.58
N GLN A 201 15.80 -61.25 -30.83
CA GLN A 201 16.89 -60.29 -30.89
C GLN A 201 16.34 -58.90 -30.59
N TYR A 202 17.12 -58.11 -29.85
CA TYR A 202 16.74 -56.75 -29.52
C TYR A 202 17.03 -55.85 -30.71
N ILE A 203 15.98 -55.27 -31.29
CA ILE A 203 16.12 -54.38 -32.45
C ILE A 203 16.19 -52.94 -31.94
N PRO A 204 17.05 -52.10 -32.52
CA PRO A 204 17.20 -50.74 -31.99
C PRO A 204 16.06 -49.83 -32.41
N LEU A 205 15.91 -48.74 -31.67
CA LEU A 205 14.94 -47.69 -31.98
C LEU A 205 15.65 -46.35 -31.83
N SER A 206 15.88 -45.68 -32.95
CA SER A 206 16.59 -44.40 -32.92
C SER A 206 15.78 -43.35 -32.16
N ILE A 207 16.46 -42.58 -31.31
CA ILE A 207 15.80 -41.48 -30.63
C ILE A 207 15.32 -40.44 -31.63
N TYR A 208 16.05 -40.26 -32.74
CA TYR A 208 15.62 -39.33 -33.77
C TYR A 208 14.20 -39.64 -34.22
N ASP A 209 13.95 -40.90 -34.61
CA ASP A 209 12.61 -41.30 -35.00
C ASP A 209 11.64 -41.26 -33.83
N LEU A 210 12.13 -41.55 -32.63
CA LEU A 210 11.25 -41.55 -31.46
C LEU A 210 10.64 -40.17 -31.24
N GLN A 211 11.45 -39.11 -31.33
CA GLN A 211 10.92 -37.77 -31.19
C GLN A 211 10.29 -37.25 -32.47
N THR A 212 10.61 -37.84 -33.63
CA THR A 212 9.86 -37.52 -34.84
C THR A 212 8.41 -37.96 -34.71
N TRP A 213 8.18 -39.17 -34.17
CA TRP A 213 6.82 -39.63 -33.93
C TRP A 213 6.13 -38.78 -32.88
N MET A 214 6.86 -38.39 -31.83
CA MET A 214 6.31 -37.56 -30.78
C MET A 214 6.15 -36.12 -31.28
N GLY A 215 5.72 -35.23 -30.39
CA GLY A 215 5.58 -33.83 -30.69
C GLY A 215 6.41 -32.96 -29.75
N SER A 216 6.44 -31.67 -30.06
CA SER A 216 7.17 -30.73 -29.22
C SER A 216 6.65 -30.73 -27.78
N PRO A 217 5.34 -30.68 -27.53
CA PRO A 217 4.87 -30.78 -26.14
C PRO A 217 4.88 -32.23 -25.66
N SER A 218 5.82 -32.58 -24.78
CA SER A 218 5.93 -33.94 -24.29
C SER A 218 6.98 -33.98 -23.19
N ILE A 219 6.86 -34.98 -22.32
CA ILE A 219 7.84 -35.21 -21.26
C ILE A 219 8.22 -36.69 -21.30
N PHE A 220 9.52 -36.97 -21.20
CA PHE A 220 10.06 -38.31 -21.29
C PHE A 220 10.61 -38.72 -19.93
N VAL A 221 10.27 -39.93 -19.49
CA VAL A 221 10.82 -40.52 -18.27
C VAL A 221 11.55 -41.79 -18.68
N TYR A 222 12.87 -41.81 -18.46
CA TYR A 222 13.71 -42.94 -18.80
C TYR A 222 14.13 -43.68 -17.54
N ASP A 223 13.98 -45.00 -17.54
CA ASP A 223 14.44 -45.87 -16.46
C ASP A 223 15.36 -46.90 -17.10
N CYS A 224 16.63 -46.54 -17.29
CA CYS A 224 17.60 -47.41 -17.94
C CYS A 224 18.91 -47.33 -17.17
N SER A 225 19.91 -48.06 -17.66
CA SER A 225 21.24 -48.02 -17.04
C SER A 225 21.98 -46.74 -17.43
N ASN A 226 22.19 -46.53 -18.72
CA ASN A 226 22.83 -45.32 -19.22
C ASN A 226 21.79 -44.35 -19.80
N ALA A 227 20.90 -43.90 -18.93
CA ALA A 227 19.88 -42.94 -19.36
C ALA A 227 20.46 -41.58 -19.67
N GLY A 228 21.58 -41.21 -19.06
CA GLY A 228 22.25 -39.99 -19.42
C GLY A 228 22.67 -39.98 -20.88
N LEU A 229 23.04 -41.15 -21.40
CA LEU A 229 23.33 -41.26 -22.83
C LEU A 229 22.09 -40.96 -23.66
N ILE A 230 20.92 -41.45 -23.23
CA ILE A 230 19.68 -41.13 -23.93
C ILE A 230 19.42 -39.63 -23.93
N VAL A 231 19.61 -38.99 -22.77
CA VAL A 231 19.38 -37.55 -22.68
C VAL A 231 20.35 -36.80 -23.59
N LYS A 232 21.62 -37.19 -23.58
CA LYS A 232 22.61 -36.53 -24.42
C LYS A 232 22.27 -36.69 -25.90
N SER A 233 21.86 -37.90 -26.30
CA SER A 233 21.51 -38.13 -27.70
C SER A 233 20.27 -37.32 -28.08
N PHE A 234 19.30 -37.21 -27.16
CA PHE A 234 18.13 -36.38 -27.43
C PHE A 234 18.53 -34.93 -27.66
N LYS A 235 19.42 -34.41 -26.81
CA LYS A 235 19.86 -33.03 -26.98
C LYS A 235 20.64 -32.84 -28.28
N GLN A 236 21.49 -33.81 -28.63
CA GLN A 236 22.23 -33.72 -29.88
C GLN A 236 21.28 -33.74 -31.08
N PHE A 237 20.25 -34.59 -31.03
CA PHE A 237 19.29 -34.62 -32.13
C PHE A 237 18.49 -33.32 -32.20
N ALA A 238 18.16 -32.73 -31.06
CA ALA A 238 17.50 -31.43 -31.07
C ALA A 238 18.38 -30.37 -31.71
N LEU A 239 19.67 -30.38 -31.38
CA LEU A 239 20.60 -29.43 -32.00
C LEU A 239 20.71 -29.68 -33.50
N GLN A 240 20.70 -30.96 -33.91
CA GLN A 240 20.73 -31.29 -35.33
C GLN A 240 19.51 -30.75 -36.05
N ARG A 241 18.33 -30.92 -35.44
CA ARG A 241 17.10 -30.37 -36.04
C ARG A 241 17.19 -28.85 -36.14
N GLU A 242 17.70 -28.19 -35.10
CA GLU A 242 17.84 -26.74 -35.15
C GLU A 242 18.78 -26.31 -36.26
N GLN A 243 19.90 -27.03 -36.43
CA GLN A 243 20.84 -26.72 -37.50
C GLN A 243 20.19 -26.91 -38.86
N GLU A 244 19.45 -28.01 -39.04
CA GLU A 244 18.82 -28.28 -40.32
C GLU A 244 17.72 -27.28 -40.64
N LEU A 245 17.04 -26.77 -39.61
CA LEU A 245 15.91 -25.87 -39.85
C LEU A 245 16.34 -24.59 -40.56
N GLU A 246 17.57 -24.15 -40.34
CA GLU A 246 18.02 -22.90 -40.97
C GLU A 246 17.99 -23.00 -42.49
N VAL A 247 18.56 -24.07 -43.04
CA VAL A 247 18.58 -24.27 -44.48
C VAL A 247 18.39 -25.75 -44.80
N SER A 264 12.35 -28.17 -30.97
CA SER A 264 11.71 -28.77 -29.82
C SER A 264 12.73 -29.22 -28.78
N MET A 265 13.41 -28.25 -28.17
CA MET A 265 14.42 -28.53 -27.17
C MET A 265 14.00 -28.09 -25.76
N LYS A 266 13.42 -26.89 -25.62
CA LYS A 266 12.94 -26.47 -24.33
C LYS A 266 11.56 -27.04 -24.02
N ASN A 267 10.76 -27.29 -25.05
CA ASN A 267 9.42 -27.83 -24.83
C ASN A 267 9.48 -29.24 -24.23
N CYS A 268 10.39 -30.07 -24.73
CA CYS A 268 10.51 -31.43 -24.24
C CYS A 268 11.21 -31.46 -22.89
N ILE A 269 10.74 -32.33 -22.00
CA ILE A 269 11.30 -32.52 -20.68
C ILE A 269 11.68 -33.98 -20.53
N GLN A 270 12.88 -34.22 -20.00
CA GLN A 270 13.40 -35.57 -19.81
C GLN A 270 13.74 -35.80 -18.35
N LEU A 271 13.40 -36.99 -17.85
CA LEU A 271 13.82 -37.44 -16.53
C LEU A 271 14.55 -38.77 -16.71
N ALA A 272 15.82 -38.80 -16.31
CA ALA A 272 16.69 -39.95 -16.53
C ALA A 272 17.12 -40.53 -15.19
N ALA A 273 17.25 -41.86 -15.15
CA ALA A 273 17.60 -42.53 -13.90
C ALA A 273 19.08 -42.37 -13.56
N CYS A 274 19.95 -42.31 -14.57
CA CYS A 274 21.38 -42.34 -14.32
C CYS A 274 22.10 -41.45 -15.34
N GLU A 275 23.32 -41.06 -14.99
CA GLU A 275 24.20 -40.43 -15.95
C GLU A 275 24.70 -41.46 -16.95
N ALA A 276 25.24 -40.97 -18.08
CA ALA A 276 25.64 -41.86 -19.16
C ALA A 276 26.57 -42.96 -18.67
N THR A 277 27.57 -42.60 -17.86
CA THR A 277 28.56 -43.59 -17.43
C THR A 277 28.01 -44.49 -16.33
N GLU A 278 27.15 -43.95 -15.46
CA GLU A 278 26.78 -44.64 -14.24
C GLU A 278 25.79 -45.78 -14.53
N LEU A 279 25.78 -46.75 -13.62
CA LEU A 279 24.96 -47.95 -13.72
C LEU A 279 23.93 -47.97 -12.60
N LEU A 280 22.79 -48.58 -12.87
CA LEU A 280 21.74 -48.70 -11.87
C LEU A 280 22.20 -49.63 -10.74
N PRO A 281 21.79 -49.36 -9.50
CA PRO A 281 22.19 -50.24 -8.40
C PRO A 281 21.58 -51.63 -8.53
N MET A 282 22.29 -52.62 -7.98
CA MET A 282 21.87 -54.01 -8.01
C MET A 282 21.70 -54.58 -6.60
N ILE A 283 21.61 -53.72 -5.59
CA ILE A 283 21.46 -54.21 -4.21
C ILE A 283 20.13 -54.95 -4.09
N PRO A 284 20.11 -56.15 -3.51
CA PRO A 284 18.85 -56.91 -3.47
C PRO A 284 17.73 -56.22 -2.72
N ASP A 285 18.05 -55.46 -1.67
CA ASP A 285 17.00 -54.90 -0.82
C ASP A 285 16.11 -53.94 -1.60
N LEU A 286 16.70 -53.07 -2.41
CA LEU A 286 15.92 -52.08 -3.15
C LEU A 286 15.23 -52.71 -4.35
N PRO A 287 14.16 -52.08 -4.84
CA PRO A 287 13.53 -52.57 -6.07
C PRO A 287 14.45 -52.40 -7.27
N ALA A 288 14.30 -53.31 -8.24
CA ALA A 288 15.02 -53.16 -9.50
C ALA A 288 14.58 -51.89 -10.22
N ASP A 289 13.27 -51.62 -10.22
CA ASP A 289 12.72 -50.40 -10.81
C ASP A 289 12.72 -49.34 -9.72
N LEU A 290 13.82 -48.59 -9.65
CA LEU A 290 14.04 -47.66 -8.54
C LEU A 290 13.60 -46.24 -8.89
N PHE A 291 14.03 -45.72 -10.05
CA PHE A 291 13.72 -44.35 -10.41
C PHE A 291 12.21 -44.15 -10.55
N THR A 292 11.52 -45.09 -11.20
CA THR A 292 10.07 -44.98 -11.32
C THR A 292 9.40 -45.14 -9.96
N SER A 293 9.96 -45.97 -9.09
CA SER A 293 9.41 -46.10 -7.74
C SER A 293 9.49 -44.78 -6.99
N CYS A 294 10.62 -44.08 -7.11
CA CYS A 294 10.75 -42.76 -6.50
C CYS A 294 9.78 -41.77 -7.12
N LEU A 295 9.68 -41.75 -8.46
CA LEU A 295 8.85 -40.76 -9.12
C LEU A 295 7.37 -40.96 -8.80
N THR A 296 6.90 -42.20 -8.77
CA THR A 296 5.48 -42.49 -8.68
C THR A 296 5.02 -42.86 -7.28
N THR A 297 5.88 -43.49 -6.47
CA THR A 297 5.54 -43.88 -5.11
C THR A 297 6.63 -43.37 -4.18
N PRO A 298 6.76 -42.04 -4.05
CA PRO A 298 7.86 -41.49 -3.25
C PRO A 298 7.80 -41.89 -1.78
N ILE A 299 6.59 -41.99 -1.20
CA ILE A 299 6.49 -42.22 0.24
C ILE A 299 6.96 -43.63 0.60
N LYS A 300 6.52 -44.63 -0.15
CA LYS A 300 6.88 -46.01 0.18
C LYS A 300 8.38 -46.22 0.08
N ILE A 301 8.99 -45.78 -1.03
CA ILE A 301 10.42 -45.96 -1.20
C ILE A 301 11.18 -45.10 -0.20
N ALA A 302 10.68 -43.91 0.13
CA ALA A 302 11.34 -43.07 1.13
C ALA A 302 11.36 -43.76 2.49
N LEU A 303 10.23 -44.34 2.89
CA LEU A 303 10.19 -45.04 4.17
C LEU A 303 11.09 -46.27 4.15
N ARG A 304 11.11 -47.00 3.04
CA ARG A 304 12.00 -48.15 2.94
C ARG A 304 13.46 -47.73 3.07
N TRP A 305 13.86 -46.68 2.34
CA TRP A 305 15.23 -46.19 2.40
C TRP A 305 15.57 -45.72 3.81
N PHE A 306 14.65 -45.01 4.46
CA PHE A 306 14.89 -44.57 5.83
C PHE A 306 15.09 -45.76 6.76
N CYS A 307 14.27 -46.80 6.60
CA CYS A 307 14.43 -48.01 7.39
C CYS A 307 15.72 -48.74 7.05
N MET A 308 16.33 -48.46 5.91
CA MET A 308 17.61 -49.06 5.55
C MET A 308 18.82 -48.28 6.05
N GLN A 309 18.63 -47.10 6.64
CA GLN A 309 19.74 -46.28 7.09
C GLN A 309 20.09 -46.57 8.55
N LYS A 310 21.26 -46.06 8.96
CA LYS A 310 21.72 -46.25 10.33
C LYS A 310 20.89 -45.47 11.35
N CYS A 311 20.11 -44.48 10.90
CA CYS A 311 19.26 -43.74 11.82
C CYS A 311 18.23 -44.62 12.50
N VAL A 312 17.97 -45.81 11.93
CA VAL A 312 17.04 -46.74 12.57
C VAL A 312 17.55 -47.15 13.94
N SER A 313 18.87 -47.11 14.15
CA SER A 313 19.42 -47.46 15.45
C SER A 313 18.81 -46.61 16.56
N LEU A 314 18.47 -45.36 16.26
CA LEU A 314 17.84 -44.50 17.25
C LEU A 314 16.44 -45.00 17.61
N VAL A 315 15.81 -45.78 16.73
CA VAL A 315 14.44 -46.25 16.94
C VAL A 315 14.40 -47.77 16.80
N PRO A 316 14.65 -48.52 17.86
CA PRO A 316 14.54 -49.98 17.77
C PRO A 316 13.11 -50.43 17.55
N GLY A 317 12.97 -51.63 17.01
CA GLY A 317 11.66 -52.21 16.81
C GLY A 317 10.95 -51.76 15.55
N VAL A 318 11.67 -51.16 14.60
CA VAL A 318 11.10 -50.72 13.33
C VAL A 318 11.77 -51.54 12.22
N THR A 319 10.95 -52.21 11.43
CA THR A 319 11.43 -53.07 10.35
C THR A 319 10.54 -52.90 9.13
N LEU A 320 11.06 -53.36 7.98
CA LEU A 320 10.30 -53.24 6.74
C LEU A 320 8.96 -53.96 6.83
N ASP A 321 8.89 -55.03 7.63
CA ASP A 321 7.61 -55.73 7.80
C ASP A 321 6.56 -54.81 8.39
N LEU A 322 6.94 -54.03 9.40
CA LEU A 322 6.01 -53.07 9.98
C LEU A 322 5.63 -51.99 8.98
N ILE A 323 6.57 -51.57 8.14
CA ILE A 323 6.27 -50.58 7.12
C ILE A 323 5.21 -51.12 6.16
N GLU A 324 5.35 -52.39 5.76
CA GLU A 324 4.38 -52.98 4.84
C GLU A 324 2.96 -52.91 5.40
N LYS A 325 2.82 -52.92 6.72
CA LYS A 325 1.51 -52.90 7.38
C LYS A 325 1.16 -51.53 7.93
N ILE A 326 1.75 -50.47 7.38
CA ILE A 326 1.46 -49.11 7.86
C ILE A 326 0.00 -48.79 7.58
N PRO A 327 -0.77 -48.31 8.57
CA PRO A 327 -2.16 -47.98 8.30
C PRO A 327 -2.30 -46.67 7.52
N GLY A 328 -3.53 -46.41 7.10
CA GLY A 328 -3.87 -45.18 6.40
C GLY A 328 -3.67 -45.30 4.90
N ARG A 329 -4.12 -44.25 4.20
CA ARG A 329 -3.98 -44.14 2.76
C ARG A 329 -3.33 -42.80 2.42
N LEU A 330 -2.99 -42.65 1.13
CA LEU A 330 -2.26 -41.47 0.70
C LEU A 330 -3.14 -40.22 0.64
N ASN A 331 -4.46 -40.36 0.73
CA ASN A 331 -5.38 -39.25 0.56
C ASN A 331 -5.81 -38.62 1.88
N ASP A 332 -6.30 -39.44 2.82
CA ASP A 332 -6.78 -38.91 4.10
C ASP A 332 -5.58 -38.41 4.90
N ARG A 333 -5.41 -37.10 4.95
CA ARG A 333 -4.28 -36.50 5.65
C ARG A 333 -4.37 -36.72 7.16
N ARG A 334 -5.53 -37.15 7.66
CA ARG A 334 -5.65 -37.43 9.09
C ARG A 334 -4.96 -38.73 9.47
N THR A 335 -4.85 -39.68 8.54
CA THR A 335 -4.18 -40.95 8.81
C THR A 335 -2.67 -40.79 8.74
N PRO A 336 -1.91 -41.68 9.38
CA PRO A 336 -0.45 -41.52 9.38
C PRO A 336 0.16 -41.46 7.99
N LEU A 337 -0.31 -42.30 7.06
CA LEU A 337 0.28 -42.32 5.72
C LEU A 337 -0.08 -41.05 4.95
N GLY A 338 -1.32 -40.60 5.05
CA GLY A 338 -1.69 -39.35 4.42
C GLY A 338 -0.93 -38.17 4.99
N GLU A 339 -0.74 -38.14 6.31
CA GLU A 339 0.04 -37.09 6.92
C GLU A 339 1.49 -37.12 6.43
N LEU A 340 2.07 -38.32 6.32
CA LEU A 340 3.43 -38.43 5.81
C LEU A 340 3.51 -37.94 4.36
N ASN A 341 2.52 -38.29 3.54
CA ASN A 341 2.52 -37.81 2.16
C ASN A 341 2.41 -36.30 2.11
N TRP A 342 1.56 -35.71 2.94
CA TRP A 342 1.42 -34.26 2.97
C TRP A 342 2.73 -33.59 3.40
N ILE A 343 3.37 -34.13 4.43
CA ILE A 343 4.64 -33.58 4.88
C ILE A 343 5.69 -33.68 3.79
N PHE A 344 5.76 -34.82 3.11
CA PHE A 344 6.72 -34.99 2.03
C PHE A 344 6.47 -33.99 0.91
N THR A 345 5.20 -33.80 0.53
CA THR A 345 4.88 -32.82 -0.50
C THR A 345 5.33 -31.43 -0.09
N ALA A 346 5.05 -31.05 1.16
CA ALA A 346 5.45 -29.72 1.62
C ALA A 346 6.96 -29.57 1.62
N ILE A 347 7.68 -30.59 2.08
CA ILE A 347 9.14 -30.49 2.14
C ILE A 347 9.73 -30.39 0.75
N THR A 348 9.25 -31.21 -0.19
CA THR A 348 9.76 -31.15 -1.55
C THR A 348 9.46 -29.80 -2.18
N ASP A 349 8.25 -29.27 -1.96
CA ASP A 349 7.93 -27.96 -2.50
C ASP A 349 8.82 -26.87 -1.91
N THR A 350 9.09 -26.95 -0.60
CA THR A 350 9.97 -25.98 0.04
C THR A 350 11.37 -26.05 -0.54
N ILE A 351 11.89 -27.27 -0.72
CA ILE A 351 13.23 -27.42 -1.30
C ILE A 351 13.27 -26.82 -2.69
N ALA A 352 12.26 -27.15 -3.51
CA ALA A 352 12.24 -26.63 -4.87
C ALA A 352 12.18 -25.11 -4.89
N TRP A 353 11.32 -24.52 -4.07
CA TRP A 353 11.19 -23.07 -4.06
C TRP A 353 12.47 -22.40 -3.58
N ASN A 354 13.10 -22.94 -2.54
CA ASN A 354 14.29 -22.29 -1.98
C ASN A 354 15.49 -22.44 -2.92
N VAL A 355 15.59 -23.57 -3.61
CA VAL A 355 16.78 -23.86 -4.41
C VAL A 355 16.63 -23.37 -5.85
N LEU A 356 15.54 -23.75 -6.52
CA LEU A 356 15.39 -23.40 -7.92
C LEU A 356 15.11 -21.91 -8.09
N PRO A 357 15.46 -21.34 -9.23
CA PRO A 357 15.09 -19.94 -9.50
C PRO A 357 13.58 -19.80 -9.71
N ARG A 358 13.12 -18.56 -9.63
CA ARG A 358 11.69 -18.31 -9.68
C ARG A 358 11.09 -18.76 -11.01
N ASP A 359 11.75 -18.43 -12.12
CA ASP A 359 11.22 -18.79 -13.42
C ASP A 359 11.16 -20.31 -13.61
N LEU A 360 12.25 -21.00 -13.28
CA LEU A 360 12.27 -22.46 -13.41
C LEU A 360 11.29 -23.11 -12.45
N PHE A 361 11.19 -22.57 -11.23
CA PHE A 361 10.23 -23.11 -10.27
C PHE A 361 8.81 -22.99 -10.79
N GLN A 362 8.46 -21.83 -11.34
CA GLN A 362 7.13 -21.67 -11.90
C GLN A 362 6.91 -22.59 -13.09
N LYS A 363 7.93 -22.75 -13.93
CA LYS A 363 7.79 -23.57 -15.13
C LYS A 363 7.59 -25.05 -14.78
N LEU A 364 8.28 -25.54 -13.76
CA LEU A 364 8.30 -26.96 -13.44
C LEU A 364 7.31 -27.33 -12.35
N PHE A 365 7.43 -26.73 -11.17
CA PHE A 365 6.67 -27.14 -10.00
C PHE A 365 5.30 -26.48 -9.91
N ARG A 366 4.94 -25.62 -10.86
CA ARG A 366 3.67 -24.90 -10.80
C ARG A 366 2.89 -24.92 -12.10
N GLN A 367 3.40 -25.52 -13.18
CA GLN A 367 2.71 -25.48 -14.45
C GLN A 367 1.52 -26.44 -14.46
N ASP A 368 1.77 -27.73 -14.25
CA ASP A 368 0.72 -28.74 -14.26
C ASP A 368 0.97 -29.73 -13.13
N LEU A 369 -0.09 -30.44 -12.76
CA LEU A 369 -0.03 -31.33 -11.61
C LEU A 369 1.01 -32.44 -11.82
N LEU A 370 0.99 -33.08 -12.98
CA LEU A 370 1.81 -34.27 -13.18
C LEU A 370 3.29 -33.92 -13.19
N VAL A 371 3.69 -32.89 -13.94
CA VAL A 371 5.09 -32.52 -13.99
C VAL A 371 5.58 -32.04 -12.63
N ALA A 372 4.75 -31.26 -11.93
CA ALA A 372 5.13 -30.78 -10.62
C ALA A 372 5.35 -31.94 -9.65
N SER A 373 4.43 -32.92 -9.65
CA SER A 373 4.61 -34.08 -8.80
C SER A 373 5.84 -34.88 -9.20
N LEU A 374 6.08 -35.02 -10.51
CA LEU A 374 7.23 -35.78 -10.98
C LEU A 374 8.53 -35.15 -10.51
N PHE A 375 8.62 -33.81 -10.56
CA PHE A 375 9.86 -33.17 -10.12
C PHE A 375 9.99 -33.16 -8.60
N ARG A 376 8.87 -32.99 -7.89
CA ARG A 376 8.92 -33.07 -6.43
C ARG A 376 9.41 -34.43 -5.98
N ASN A 377 8.97 -35.49 -6.65
CA ASN A 377 9.48 -36.83 -6.37
C ASN A 377 10.88 -37.04 -6.94
N PHE A 378 11.25 -36.30 -7.99
CA PHE A 378 12.61 -36.39 -8.53
C PHE A 378 13.63 -35.85 -7.53
N LEU A 379 13.24 -34.87 -6.72
CA LEU A 379 14.13 -34.44 -5.65
C LEU A 379 14.46 -35.60 -4.71
N LEU A 380 13.44 -36.35 -4.29
CA LEU A 380 13.66 -37.52 -3.45
C LEU A 380 14.46 -38.57 -4.19
N ALA A 381 14.19 -38.74 -5.49
CA ALA A 381 14.95 -39.72 -6.28
C ALA A 381 16.43 -39.37 -6.29
N GLU A 382 16.75 -38.11 -6.51
CA GLU A 382 18.14 -37.67 -6.46
C GLU A 382 18.77 -37.96 -5.10
N ARG A 383 18.06 -37.58 -4.03
CA ARG A 383 18.61 -37.81 -2.70
C ARG A 383 18.86 -39.28 -2.43
N ILE A 384 17.90 -40.14 -2.81
CA ILE A 384 18.02 -41.56 -2.54
C ILE A 384 19.15 -42.18 -3.36
N MET A 385 19.19 -41.87 -4.65
CA MET A 385 20.14 -42.51 -5.55
C MET A 385 21.54 -41.92 -5.46
N ARG A 386 21.72 -40.77 -4.81
CA ARG A 386 23.07 -40.28 -4.57
C ARG A 386 23.86 -41.25 -3.70
N SER A 387 23.20 -41.85 -2.71
CA SER A 387 23.88 -42.76 -1.79
C SER A 387 24.34 -44.05 -2.45
N TYR A 388 23.88 -44.34 -3.68
CA TYR A 388 24.25 -45.55 -4.39
C TYR A 388 25.07 -45.25 -5.63
N ASN A 389 25.79 -44.13 -5.63
CA ASN A 389 26.60 -43.71 -6.77
C ASN A 389 25.74 -43.63 -8.04
N CYS A 390 24.54 -43.11 -7.88
CA CYS A 390 23.60 -42.93 -8.98
C CYS A 390 23.14 -41.48 -9.00
N THR A 391 23.25 -40.84 -10.17
CA THR A 391 22.92 -39.43 -10.32
C THR A 391 21.80 -39.25 -11.36
N PRO A 392 20.55 -39.06 -10.94
CA PRO A 392 19.49 -38.80 -11.92
C PRO A 392 19.75 -37.51 -12.68
N VAL A 393 19.29 -37.50 -13.94
CA VAL A 393 19.50 -36.37 -14.84
C VAL A 393 18.15 -35.92 -15.37
N SER A 394 17.97 -34.60 -15.45
CA SER A 394 16.76 -34.00 -16.01
C SER A 394 17.14 -33.02 -17.11
N SER A 395 16.21 -32.83 -18.05
CA SER A 395 16.50 -31.94 -19.18
C SER A 395 16.84 -30.53 -18.73
N PRO A 396 16.02 -29.86 -17.91
CA PRO A 396 16.47 -28.60 -17.28
C PRO A 396 17.31 -28.90 -16.06
N ARG A 397 18.60 -28.58 -16.13
CA ARG A 397 19.53 -28.98 -15.08
C ARG A 397 19.17 -28.31 -13.76
N LEU A 398 18.61 -29.09 -12.83
CA LEU A 398 18.27 -28.59 -11.52
C LEU A 398 19.52 -28.57 -10.62
N PRO A 399 19.80 -27.47 -9.93
CA PRO A 399 20.91 -27.48 -9.00
C PRO A 399 20.69 -28.53 -7.92
N PRO A 400 21.77 -29.12 -7.40
CA PRO A 400 21.61 -30.25 -6.48
C PRO A 400 20.82 -29.86 -5.24
N THR A 401 20.00 -30.79 -4.76
CA THR A 401 19.15 -30.57 -3.60
C THR A 401 19.33 -31.65 -2.53
N TYR A 402 20.35 -32.50 -2.66
CA TYR A 402 20.53 -33.59 -1.70
C TYR A 402 21.02 -33.08 -0.36
N MET A 403 21.70 -31.95 -0.31
CA MET A 403 22.25 -31.41 0.92
C MET A 403 21.36 -30.37 1.58
N HIS A 404 20.17 -30.13 1.03
CA HIS A 404 19.29 -29.10 1.57
C HIS A 404 18.90 -29.45 3.01
N ALA A 405 18.78 -28.40 3.84
CA ALA A 405 18.50 -28.60 5.25
C ALA A 405 17.12 -29.19 5.50
N MET A 406 16.19 -29.06 4.55
CA MET A 406 14.84 -29.56 4.74
C MET A 406 14.77 -31.09 4.75
N TRP A 407 15.77 -31.77 4.18
CA TRP A 407 15.78 -33.22 4.24
C TRP A 407 15.99 -33.72 5.66
N GLN A 408 16.74 -32.97 6.48
CA GLN A 408 16.87 -33.33 7.88
C GLN A 408 15.52 -33.23 8.60
N ALA A 409 14.75 -32.17 8.29
CA ALA A 409 13.41 -32.05 8.86
C ALA A 409 12.52 -33.19 8.38
N TRP A 410 12.65 -33.58 7.11
CA TRP A 410 11.90 -34.72 6.60
C TRP A 410 12.23 -35.99 7.37
N ASP A 411 13.52 -36.24 7.61
CA ASP A 411 13.92 -37.41 8.36
C ASP A 411 13.36 -37.36 9.78
N LEU A 412 13.42 -36.20 10.42
CA LEU A 412 12.88 -36.08 11.78
C LEU A 412 11.38 -36.33 11.79
N ALA A 413 10.66 -35.78 10.82
CA ALA A 413 9.21 -35.98 10.77
C ALA A 413 8.86 -37.44 10.56
N VAL A 414 9.58 -38.12 9.66
CA VAL A 414 9.34 -39.54 9.43
C VAL A 414 9.64 -40.34 10.70
N ASP A 415 10.73 -39.99 11.39
CA ASP A 415 11.08 -40.68 12.63
C ASP A 415 9.98 -40.52 13.66
N ILE A 416 9.49 -39.30 13.85
CA ILE A 416 8.45 -39.07 14.84
C ILE A 416 7.17 -39.79 14.46
N CYS A 417 6.85 -39.82 13.16
CA CYS A 417 5.62 -40.47 12.72
C CYS A 417 5.68 -41.98 12.93
N LEU A 418 6.78 -42.60 12.53
CA LEU A 418 6.89 -44.05 12.58
C LEU A 418 7.40 -44.57 13.93
N SER A 419 7.75 -43.68 14.86
CA SER A 419 8.08 -44.12 16.21
C SER A 419 6.85 -44.66 16.93
N GLN A 420 5.67 -44.22 16.52
CA GLN A 420 4.41 -44.67 17.13
C GLN A 420 3.80 -45.86 16.39
N LEU A 421 4.40 -46.28 15.27
CA LEU A 421 3.79 -47.33 14.47
C LEU A 421 3.61 -48.63 15.24
N PRO A 422 4.60 -49.13 15.99
CA PRO A 422 4.37 -50.38 16.73
C PRO A 422 3.20 -50.30 17.68
N THR A 423 3.04 -49.16 18.37
CA THR A 423 1.90 -49.00 19.27
C THR A 423 0.59 -49.04 18.49
N ILE A 424 0.53 -48.37 17.34
CA ILE A 424 -0.68 -48.37 16.54
C ILE A 424 -1.02 -49.78 16.08
N ILE A 425 -0.03 -50.54 15.63
CA ILE A 425 -0.30 -51.86 15.09
C ILE A 425 -0.73 -52.82 16.20
N GLU A 426 0.00 -52.83 17.32
CA GLU A 426 -0.25 -53.83 18.36
C GLU A 426 -1.30 -53.36 19.36
N GLU A 427 -1.03 -52.25 20.06
CA GLU A 427 -1.93 -51.79 21.11
C GLU A 427 -3.16 -51.09 20.54
N GLY A 428 -3.13 -50.70 19.27
CA GLY A 428 -4.26 -50.00 18.68
C GLY A 428 -4.52 -48.64 19.31
N THR A 429 -3.47 -47.89 19.60
CA THR A 429 -3.62 -46.58 20.22
C THR A 429 -4.08 -45.55 19.20
N ALA A 430 -4.29 -44.32 19.66
CA ALA A 430 -4.71 -43.22 18.79
C ALA A 430 -3.48 -42.52 18.22
N PHE A 431 -3.54 -42.20 16.93
CA PHE A 431 -2.42 -41.56 16.25
C PHE A 431 -2.45 -40.06 16.54
N ARG A 432 -1.38 -39.56 17.16
CA ARG A 432 -1.24 -38.13 17.40
C ARG A 432 -0.62 -37.46 16.19
N HIS A 433 -1.20 -36.35 15.77
CA HIS A 433 -0.75 -35.68 14.56
C HIS A 433 0.66 -35.14 14.73
N SER A 434 1.39 -35.07 13.61
CA SER A 434 2.76 -34.61 13.65
C SER A 434 2.81 -33.13 14.02
N PRO A 435 3.82 -32.70 14.79
CA PRO A 435 3.95 -31.27 15.09
C PRO A 435 4.77 -30.54 14.03
N PHE A 436 5.02 -31.20 12.89
CA PHE A 436 5.86 -30.60 11.87
C PHE A 436 5.29 -29.28 11.37
N PHE A 437 4.02 -29.27 10.98
CA PHE A 437 3.42 -28.04 10.46
C PHE A 437 3.35 -26.96 11.53
N ALA A 438 3.02 -27.35 12.77
CA ALA A 438 2.97 -26.36 13.85
C ALA A 438 4.35 -25.76 14.10
N GLU A 439 5.40 -26.60 14.11
CA GLU A 439 6.75 -26.09 14.31
C GLU A 439 7.18 -25.18 13.17
N GLN A 440 6.84 -25.55 11.93
CA GLN A 440 7.20 -24.71 10.79
C GLN A 440 6.48 -23.37 10.84
N LEU A 441 5.20 -23.36 11.24
CA LEU A 441 4.48 -22.11 11.38
C LEU A 441 5.04 -21.28 12.53
N THR A 442 5.50 -21.92 13.60
CA THR A 442 6.18 -21.19 14.67
C THR A 442 7.46 -20.54 14.14
N ALA A 443 8.21 -21.27 13.31
CA ALA A 443 9.41 -20.68 12.72
C ALA A 443 9.05 -19.51 11.82
N PHE A 444 7.97 -19.62 11.05
CA PHE A 444 7.52 -18.52 10.21
C PHE A 444 7.15 -17.30 11.05
N GLN A 445 6.46 -17.53 12.17
CA GLN A 445 6.12 -16.43 13.07
C GLN A 445 7.38 -15.79 13.65
N VAL A 446 8.37 -16.61 14.02
CA VAL A 446 9.62 -16.08 14.52
C VAL A 446 10.30 -15.21 13.48
N TRP A 447 10.29 -15.67 12.22
CA TRP A 447 10.87 -14.86 11.14
C TRP A 447 10.11 -13.54 10.99
N LEU A 448 8.79 -13.60 11.03
CA LEU A 448 7.99 -12.39 10.90
C LEU A 448 8.24 -11.42 12.05
N THR A 449 8.58 -11.94 13.23
CA THR A 449 8.81 -11.07 14.38
C THR A 449 9.84 -10.00 14.07
N MET A 450 10.90 -10.36 13.35
CA MET A 450 11.93 -9.42 12.93
C MET A 450 12.13 -9.46 11.42
N GLY A 451 11.05 -9.71 10.68
CA GLY A 451 11.13 -9.81 9.23
C GLY A 451 10.80 -8.51 8.53
N VAL A 452 10.86 -7.40 9.27
CA VAL A 452 10.55 -6.10 8.66
C VAL A 452 11.52 -5.79 7.53
N GLU A 453 12.80 -6.02 7.76
CA GLU A 453 13.80 -5.77 6.72
C GLU A 453 13.63 -6.74 5.57
N ASN A 454 14.00 -6.29 4.37
CA ASN A 454 13.89 -7.09 3.15
C ASN A 454 15.10 -8.03 3.06
N ARG A 455 15.18 -8.93 4.04
CA ARG A 455 16.24 -9.93 4.09
C ARG A 455 15.83 -11.14 3.26
N ASN A 456 16.57 -12.24 3.39
CA ASN A 456 16.25 -13.42 2.62
C ASN A 456 14.81 -13.87 2.90
N PRO A 457 14.05 -14.25 1.88
CA PRO A 457 12.65 -14.61 2.12
C PRO A 457 12.57 -15.84 2.99
N PRO A 458 11.50 -15.97 3.78
CA PRO A 458 11.38 -17.14 4.66
C PRO A 458 11.26 -18.42 3.86
N GLU A 459 11.84 -19.49 4.39
CA GLU A 459 11.79 -20.79 3.74
C GLU A 459 10.47 -21.52 3.97
N GLN A 460 9.59 -20.98 4.80
CA GLN A 460 8.34 -21.64 5.18
C GLN A 460 7.14 -21.14 4.39
N LEU A 461 7.35 -20.28 3.39
CA LEU A 461 6.22 -19.81 2.59
C LEU A 461 5.49 -20.95 1.91
N PRO A 462 6.16 -21.87 1.20
CA PRO A 462 5.44 -23.04 0.68
C PRO A 462 4.83 -23.89 1.77
N ILE A 463 5.43 -23.92 2.96
CA ILE A 463 4.82 -24.65 4.07
C ILE A 463 3.51 -24.00 4.48
N VAL A 464 3.48 -22.67 4.54
CA VAL A 464 2.23 -21.97 4.82
C VAL A 464 1.20 -22.27 3.74
N LEU A 465 1.64 -22.26 2.48
CA LEU A 465 0.75 -22.60 1.37
C LEU A 465 0.16 -23.99 1.56
N GLN A 466 0.98 -24.97 1.92
CA GLN A 466 0.50 -26.33 2.10
C GLN A 466 -0.48 -26.43 3.27
N VAL A 467 -0.13 -25.84 4.42
CA VAL A 467 -1.01 -25.93 5.57
C VAL A 467 -2.32 -25.19 5.34
N LEU A 468 -2.35 -24.21 4.44
CA LEU A 468 -3.62 -23.57 4.09
C LEU A 468 -4.63 -24.56 3.55
N LEU A 469 -4.17 -25.66 2.95
CA LEU A 469 -5.09 -26.61 2.31
C LEU A 469 -6.04 -27.22 3.32
N SER A 470 -5.51 -27.65 4.47
CA SER A 470 -6.33 -28.32 5.48
C SER A 470 -6.97 -27.29 6.42
N GLN A 471 -7.81 -27.78 7.33
CA GLN A 471 -8.52 -26.94 8.28
C GLN A 471 -7.97 -27.05 9.70
N VAL A 472 -7.03 -27.95 9.96
CA VAL A 472 -6.52 -28.10 11.32
C VAL A 472 -5.80 -26.84 11.78
N HIS A 473 -4.98 -26.26 10.90
CA HIS A 473 -4.22 -25.05 11.21
C HIS A 473 -4.53 -23.94 10.21
N ARG A 474 -5.75 -23.94 9.66
CA ARG A 474 -6.08 -22.95 8.64
C ARG A 474 -6.11 -21.53 9.22
N LEU A 475 -6.70 -21.37 10.40
CA LEU A 475 -6.81 -20.03 10.99
C LEU A 475 -5.45 -19.43 11.26
N ARG A 476 -4.55 -20.19 11.91
CA ARG A 476 -3.22 -19.67 12.19
C ARG A 476 -2.45 -19.42 10.91
N ALA A 477 -2.59 -20.29 9.92
CA ALA A 477 -1.91 -20.09 8.65
C ALA A 477 -2.36 -18.80 7.98
N LEU A 478 -3.68 -18.56 7.95
CA LEU A 478 -4.19 -17.33 7.36
C LEU A 478 -3.73 -16.11 8.14
N ASP A 479 -3.72 -16.19 9.47
CA ASP A 479 -3.25 -15.07 10.27
C ASP A 479 -1.79 -14.75 9.95
N LEU A 480 -0.94 -15.77 9.90
CA LEU A 480 0.46 -15.55 9.59
C LEU A 480 0.64 -15.01 8.18
N LEU A 481 -0.15 -15.51 7.23
CA LEU A 481 -0.06 -15.01 5.86
C LEU A 481 -0.45 -13.54 5.79
N GLY A 482 -1.52 -13.16 6.49
CA GLY A 482 -1.90 -11.76 6.53
C GLY A 482 -0.82 -10.89 7.16
N ARG A 483 -0.21 -11.39 8.24
CA ARG A 483 0.89 -10.65 8.86
C ARG A 483 2.04 -10.47 7.89
N PHE A 484 2.37 -11.52 7.14
CA PHE A 484 3.44 -11.42 6.15
C PHE A 484 3.09 -10.40 5.06
N LEU A 485 1.86 -10.46 4.54
CA LEU A 485 1.45 -9.52 3.51
C LEU A 485 1.47 -8.09 4.04
N ASP A 486 1.22 -7.90 5.34
CA ASP A 486 1.27 -6.57 5.92
C ASP A 486 2.64 -5.92 5.79
N LEU A 487 3.69 -6.71 5.57
CA LEU A 487 5.03 -6.15 5.53
C LEU A 487 5.17 -5.12 4.42
N GLY A 488 4.63 -5.41 3.23
CA GLY A 488 4.70 -4.48 2.13
C GLY A 488 4.41 -5.14 0.79
N PRO A 489 4.46 -4.35 -0.29
CA PRO A 489 4.16 -4.91 -1.61
C PRO A 489 5.10 -6.03 -2.02
N TRP A 490 6.37 -5.98 -1.61
CA TRP A 490 7.30 -7.06 -1.95
C TRP A 490 6.86 -8.37 -1.34
N ALA A 491 6.35 -8.34 -0.10
CA ALA A 491 5.88 -9.56 0.53
C ALA A 491 4.71 -10.16 -0.24
N VAL A 492 3.77 -9.31 -0.68
CA VAL A 492 2.61 -9.83 -1.40
C VAL A 492 3.02 -10.36 -2.77
N SER A 493 3.98 -9.69 -3.42
CA SER A 493 4.50 -10.21 -4.69
C SER A 493 5.13 -11.58 -4.50
N LEU A 494 5.94 -11.73 -3.45
CA LEU A 494 6.54 -13.04 -3.16
C LEU A 494 5.47 -14.08 -2.91
N ALA A 495 4.45 -13.73 -2.10
CA ALA A 495 3.39 -14.68 -1.81
C ALA A 495 2.67 -15.12 -3.08
N LEU A 496 2.26 -14.16 -3.91
CA LEU A 496 1.57 -14.51 -5.15
C LEU A 496 2.45 -15.33 -6.06
N SER A 497 3.76 -15.07 -6.06
CA SER A 497 4.67 -15.88 -6.88
C SER A 497 4.69 -17.33 -6.41
N VAL A 498 4.65 -17.56 -5.10
CA VAL A 498 4.61 -18.92 -4.58
C VAL A 498 3.36 -19.65 -5.07
N GLY A 499 2.28 -18.91 -5.32
CA GLY A 499 1.08 -19.49 -5.89
C GLY A 499 -0.06 -19.64 -4.91
N ILE A 500 -0.23 -18.67 -4.01
CA ILE A 500 -1.35 -18.69 -3.08
C ILE A 500 -2.65 -18.21 -3.71
N PHE A 501 -2.58 -17.51 -4.83
CA PHE A 501 -3.78 -16.85 -5.36
C PHE A 501 -4.92 -17.82 -5.62
N PRO A 502 -4.74 -18.92 -6.36
CA PRO A 502 -5.89 -19.82 -6.60
C PRO A 502 -6.49 -20.40 -5.33
N TYR A 503 -5.65 -20.73 -4.35
CA TYR A 503 -6.15 -21.36 -3.13
C TYR A 503 -6.85 -20.34 -2.23
N VAL A 504 -6.29 -19.14 -2.12
CA VAL A 504 -6.98 -18.09 -1.38
C VAL A 504 -8.31 -17.75 -2.06
N LEU A 505 -8.33 -17.78 -3.38
CA LEU A 505 -9.59 -17.56 -4.11
C LEU A 505 -10.59 -18.66 -3.78
N LYS A 506 -10.14 -19.91 -3.74
CA LYS A 506 -11.04 -21.01 -3.39
C LYS A 506 -11.54 -20.88 -1.96
N LEU A 507 -10.73 -20.30 -1.07
CA LEU A 507 -11.16 -20.12 0.32
C LEU A 507 -12.47 -19.36 0.43
N LEU A 508 -12.75 -18.44 -0.51
CA LEU A 508 -13.96 -17.62 -0.41
C LEU A 508 -15.23 -18.46 -0.46
N GLN A 509 -15.16 -19.70 -0.95
CA GLN A 509 -16.32 -20.56 -0.97
C GLN A 509 -16.68 -21.07 0.42
N SER A 510 -15.73 -21.07 1.35
CA SER A 510 -16.01 -21.53 2.71
C SER A 510 -16.98 -20.59 3.41
N SER A 511 -17.90 -21.19 4.17
CA SER A 511 -18.90 -20.44 4.93
C SER A 511 -18.47 -20.20 6.38
N ALA A 512 -17.27 -20.64 6.76
CA ALA A 512 -16.80 -20.45 8.13
C ALA A 512 -16.70 -18.96 8.43
N ARG A 513 -17.41 -18.53 9.48
CA ARG A 513 -17.47 -17.11 9.79
C ARG A 513 -16.16 -16.59 10.40
N GLU A 514 -15.28 -17.48 10.86
CA GLU A 514 -14.02 -17.03 11.45
C GLU A 514 -12.98 -16.68 10.40
N LEU A 515 -13.18 -17.10 9.15
CA LEU A 515 -12.22 -16.81 8.08
C LEU A 515 -12.42 -15.46 7.44
N ARG A 516 -13.56 -14.79 7.69
CA ARG A 516 -13.84 -13.54 7.00
C ARG A 516 -12.80 -12.46 7.26
N PRO A 517 -12.42 -12.15 8.50
CA PRO A 517 -11.44 -11.07 8.70
C PRO A 517 -10.09 -11.36 8.06
N LEU A 518 -9.55 -12.57 8.27
CA LEU A 518 -8.26 -12.91 7.68
C LEU A 518 -8.33 -12.87 6.17
N LEU A 519 -9.39 -13.44 5.60
CA LEU A 519 -9.51 -13.48 4.14
C LEU A 519 -9.64 -12.07 3.55
N VAL A 520 -10.41 -11.20 4.20
CA VAL A 520 -10.57 -9.85 3.67
C VAL A 520 -9.26 -9.08 3.80
N PHE A 521 -8.52 -9.27 4.90
CA PHE A 521 -7.21 -8.65 5.00
C PHE A 521 -6.30 -9.09 3.87
N ILE A 522 -6.21 -10.40 3.65
CA ILE A 522 -5.33 -10.93 2.61
C ILE A 522 -5.74 -10.40 1.23
N TRP A 523 -7.04 -10.43 0.95
CA TRP A 523 -7.51 -9.99 -0.37
C TRP A 523 -7.34 -8.50 -0.56
N ALA A 524 -7.53 -7.69 0.48
CA ALA A 524 -7.28 -6.27 0.36
C ALA A 524 -5.82 -6.00 0.06
N LYS A 525 -4.91 -6.71 0.74
CA LYS A 525 -3.49 -6.55 0.42
C LYS A 525 -3.22 -6.92 -1.03
N ILE A 526 -3.74 -8.07 -1.47
CA ILE A 526 -3.48 -8.57 -2.82
C ILE A 526 -4.01 -7.59 -3.85
N LEU A 527 -5.22 -7.08 -3.65
CA LEU A 527 -5.78 -6.13 -4.60
C LEU A 527 -5.04 -4.80 -4.57
N ALA A 528 -4.51 -4.42 -3.39
CA ALA A 528 -3.73 -3.19 -3.32
C ALA A 528 -2.47 -3.29 -4.15
N VAL A 529 -1.73 -4.39 -4.03
CA VAL A 529 -0.50 -4.53 -4.81
C VAL A 529 -0.82 -4.74 -6.28
N ASP A 530 -1.81 -5.59 -6.58
CA ASP A 530 -2.15 -5.97 -7.94
C ASP A 530 -3.65 -5.86 -8.13
N SER A 531 -4.07 -5.02 -9.09
CA SER A 531 -5.48 -4.76 -9.33
C SER A 531 -6.08 -5.65 -10.41
N SER A 532 -5.30 -6.57 -11.00
CA SER A 532 -5.81 -7.44 -12.04
C SER A 532 -6.61 -8.62 -11.49
N CYS A 533 -6.65 -8.79 -10.17
CA CYS A 533 -7.39 -9.89 -9.57
C CYS A 533 -8.90 -9.66 -9.57
N GLN A 534 -9.36 -8.49 -10.01
CA GLN A 534 -10.79 -8.21 -10.04
C GLN A 534 -11.51 -9.18 -10.97
N ALA A 535 -10.91 -9.49 -12.12
CA ALA A 535 -11.55 -10.43 -13.06
C ALA A 535 -11.71 -11.81 -12.43
N ASP A 536 -10.65 -12.30 -11.77
CA ASP A 536 -10.74 -13.60 -11.10
C ASP A 536 -11.78 -13.58 -9.99
N LEU A 537 -11.81 -12.51 -9.19
CA LEU A 537 -12.77 -12.43 -8.10
C LEU A 537 -14.20 -12.43 -8.63
N VAL A 538 -14.46 -11.70 -9.71
CA VAL A 538 -15.79 -11.66 -10.28
C VAL A 538 -16.15 -13.01 -10.90
N LYS A 539 -15.17 -13.67 -11.52
CA LYS A 539 -15.44 -14.98 -12.12
C LYS A 539 -15.84 -16.01 -11.07
N ASP A 540 -15.14 -16.01 -9.93
CA ASP A 540 -15.40 -16.97 -8.86
C ASP A 540 -16.53 -16.53 -7.94
N ASN A 541 -17.13 -15.37 -8.17
CA ASN A 541 -18.25 -14.88 -7.36
C ASN A 541 -17.81 -14.61 -5.92
N GLY A 542 -16.56 -14.20 -5.74
CA GLY A 542 -16.10 -13.77 -4.43
C GLY A 542 -16.66 -12.44 -4.00
N HIS A 543 -17.12 -11.62 -4.96
CA HIS A 543 -17.76 -10.36 -4.60
C HIS A 543 -19.00 -10.60 -3.76
N LYS A 544 -19.67 -11.74 -3.95
CA LYS A 544 -20.78 -12.08 -3.06
C LYS A 544 -20.29 -12.26 -1.63
N TYR A 545 -19.15 -12.94 -1.47
CA TYR A 545 -18.56 -13.10 -0.14
C TYR A 545 -18.23 -11.74 0.48
N PHE A 546 -17.64 -10.84 -0.32
CA PHE A 546 -17.28 -9.53 0.21
C PHE A 546 -18.53 -8.72 0.58
N LEU A 547 -19.58 -8.81 -0.24
CA LEU A 547 -20.83 -8.14 0.09
C LEU A 547 -21.43 -8.67 1.38
N SER A 548 -21.41 -10.00 1.56
CA SER A 548 -21.89 -10.57 2.81
C SER A 548 -21.07 -10.08 3.99
N VAL A 549 -19.76 -9.96 3.81
CA VAL A 549 -18.90 -9.43 4.87
C VAL A 549 -19.31 -7.99 5.20
N LEU A 550 -19.53 -7.17 4.18
CA LEU A 550 -19.82 -5.76 4.40
C LEU A 550 -21.23 -5.53 4.95
N ALA A 551 -22.09 -6.54 4.89
CA ALA A 551 -23.48 -6.40 5.33
C ALA A 551 -23.66 -6.83 6.78
N ASP A 552 -22.59 -6.94 7.54
CA ASP A 552 -22.65 -7.39 8.93
C ASP A 552 -22.29 -6.25 9.87
N PRO A 553 -23.26 -5.59 10.51
CA PRO A 553 -22.90 -4.54 11.47
C PRO A 553 -22.03 -5.04 12.62
N TYR A 554 -22.14 -6.32 12.97
CA TYR A 554 -21.35 -6.86 14.08
C TYR A 554 -19.86 -6.95 13.74
N MET A 555 -19.50 -6.92 12.47
CA MET A 555 -18.10 -7.01 12.09
C MET A 555 -17.38 -5.73 12.52
N PRO A 556 -16.13 -5.84 12.98
CA PRO A 556 -15.38 -4.62 13.34
C PRO A 556 -15.23 -3.69 12.15
N ALA A 557 -15.17 -2.38 12.45
CA ALA A 557 -15.17 -1.37 11.40
C ALA A 557 -13.94 -1.48 10.51
N GLU A 558 -12.79 -1.88 11.07
CA GLU A 558 -11.57 -1.95 10.27
C GLU A 558 -11.71 -2.96 9.14
N HIS A 559 -12.24 -4.15 9.45
CA HIS A 559 -12.45 -5.15 8.40
C HIS A 559 -13.53 -4.70 7.43
N ARG A 560 -14.53 -3.95 7.91
CA ARG A 560 -15.56 -3.45 7.02
C ARG A 560 -14.99 -2.48 6.00
N THR A 561 -14.12 -1.55 6.44
CA THR A 561 -13.48 -0.66 5.48
C THR A 561 -12.49 -1.41 4.59
N MET A 562 -11.85 -2.45 5.13
CA MET A 562 -11.00 -3.30 4.29
C MET A 562 -11.82 -3.89 3.14
N THR A 563 -13.00 -4.43 3.44
CA THR A 563 -13.87 -4.98 2.41
C THR A 563 -14.39 -3.90 1.48
N ALA A 564 -14.67 -2.71 2.00
CA ALA A 564 -15.08 -1.60 1.14
C ALA A 564 -14.00 -1.27 0.13
N PHE A 565 -12.75 -1.23 0.57
CA PHE A 565 -11.63 -1.01 -0.35
C PHE A 565 -11.55 -2.14 -1.38
N ILE A 566 -11.74 -3.38 -0.94
CA ILE A 566 -11.70 -4.50 -1.87
C ILE A 566 -12.77 -4.32 -2.96
N LEU A 567 -13.99 -3.99 -2.54
CA LEU A 567 -15.07 -3.82 -3.51
C LEU A 567 -14.80 -2.64 -4.44
N ALA A 568 -14.21 -1.56 -3.90
CA ALA A 568 -13.88 -0.41 -4.74
C ALA A 568 -12.86 -0.80 -5.80
N VAL A 569 -11.86 -1.60 -5.42
CA VAL A 569 -10.86 -2.03 -6.39
C VAL A 569 -11.47 -2.98 -7.41
N ILE A 570 -12.39 -3.84 -6.97
CA ILE A 570 -13.01 -4.80 -7.88
C ILE A 570 -13.74 -4.08 -9.00
N VAL A 571 -14.51 -3.03 -8.66
CA VAL A 571 -15.32 -2.32 -9.65
C VAL A 571 -14.59 -1.12 -10.25
N ASN A 572 -13.28 -1.01 -10.06
CA ASN A 572 -12.52 0.11 -10.60
C ASN A 572 -12.36 -0.08 -12.10
N SER A 573 -13.14 0.68 -12.88
CA SER A 573 -13.06 0.64 -14.34
C SER A 573 -13.14 -0.79 -14.86
N TYR A 574 -14.19 -1.50 -14.43
CA TYR A 574 -14.40 -2.88 -14.85
C TYR A 574 -15.91 -3.08 -14.99
N HIS A 575 -16.39 -3.05 -16.23
CA HIS A 575 -17.82 -3.10 -16.47
C HIS A 575 -18.45 -4.38 -15.92
N THR A 576 -17.79 -5.52 -16.14
CA THR A 576 -18.31 -6.78 -15.64
C THR A 576 -18.45 -6.75 -14.13
N GLY A 577 -17.41 -6.28 -13.43
CA GLY A 577 -17.47 -6.20 -11.99
C GLY A 577 -18.50 -5.20 -11.49
N GLN A 578 -18.61 -4.05 -12.17
CA GLN A 578 -19.61 -3.08 -11.80
C GLN A 578 -21.01 -3.66 -11.92
N GLU A 579 -21.29 -4.37 -13.02
CA GLU A 579 -22.60 -5.00 -13.18
C GLU A 579 -22.83 -6.07 -12.13
N ALA A 580 -21.81 -6.88 -11.85
CA ALA A 580 -21.97 -7.93 -10.84
C ALA A 580 -22.28 -7.35 -9.48
N CYS A 581 -21.60 -6.27 -9.09
CA CYS A 581 -21.87 -5.63 -7.81
C CYS A 581 -23.23 -4.95 -7.81
N LEU A 582 -23.63 -4.35 -8.93
CA LEU A 582 -24.95 -3.71 -9.01
C LEU A 582 -26.05 -4.74 -8.80
N GLN A 583 -25.93 -5.90 -9.45
CA GLN A 583 -26.87 -6.98 -9.19
C GLN A 583 -26.77 -7.51 -7.77
N GLY A 584 -25.69 -7.21 -7.06
CA GLY A 584 -25.53 -7.55 -5.66
C GLY A 584 -26.02 -6.48 -4.70
N ASN A 585 -26.74 -5.47 -5.19
CA ASN A 585 -27.31 -4.41 -4.36
C ASN A 585 -26.24 -3.68 -3.54
N LEU A 586 -25.01 -3.63 -4.07
CA LEU A 586 -23.93 -2.96 -3.37
C LEU A 586 -24.25 -1.50 -3.10
N ILE A 587 -25.08 -0.88 -3.93
CA ILE A 587 -25.45 0.52 -3.69
C ILE A 587 -26.15 0.65 -2.34
N ALA A 588 -27.13 -0.21 -2.09
CA ALA A 588 -27.84 -0.17 -0.82
C ALA A 588 -26.91 -0.47 0.34
N ILE A 589 -26.03 -1.46 0.18
CA ILE A 589 -25.11 -1.82 1.25
C ILE A 589 -24.21 -0.64 1.60
N CYS A 590 -23.69 0.05 0.58
CA CYS A 590 -22.86 1.22 0.82
C CYS A 590 -23.66 2.33 1.50
N LEU A 591 -24.90 2.56 1.06
CA LEU A 591 -25.70 3.64 1.63
C LEU A 591 -25.99 3.37 3.11
N GLU A 592 -26.34 2.13 3.46
CA GLU A 592 -26.62 1.82 4.86
C GLU A 592 -25.41 2.05 5.74
N GLN A 593 -24.21 1.96 5.19
CA GLN A 593 -22.97 2.07 5.95
C GLN A 593 -22.19 3.34 5.58
N LEU A 594 -22.92 4.40 5.23
CA LEU A 594 -22.31 5.66 4.83
C LEU A 594 -22.10 6.61 6.00
N ASN A 595 -22.98 6.57 7.00
CA ASN A 595 -22.89 7.44 8.17
C ASN A 595 -22.21 6.77 9.36
N ASP A 596 -21.47 5.70 9.12
CA ASP A 596 -20.82 5.00 10.23
C ASP A 596 -19.77 5.90 10.87
N PRO A 597 -19.60 5.83 12.19
CA PRO A 597 -18.61 6.69 12.87
C PRO A 597 -17.17 6.21 12.69
N HIS A 598 -16.70 6.24 11.44
CA HIS A 598 -15.34 5.84 11.12
C HIS A 598 -14.88 6.57 9.87
N PRO A 599 -13.85 7.41 9.95
CA PRO A 599 -13.47 8.21 8.77
C PRO A 599 -13.11 7.37 7.55
N LEU A 600 -12.22 6.38 7.71
CA LEU A 600 -11.76 5.61 6.56
C LEU A 600 -12.90 4.81 5.94
N LEU A 601 -13.78 4.25 6.77
CA LEU A 601 -14.90 3.48 6.24
C LEU A 601 -15.80 4.35 5.37
N ARG A 602 -16.13 5.56 5.86
CA ARG A 602 -16.95 6.46 5.07
C ARG A 602 -16.24 6.88 3.79
N GLN A 603 -14.94 7.19 3.89
CA GLN A 603 -14.19 7.59 2.71
C GLN A 603 -14.24 6.51 1.64
N TRP A 604 -13.97 5.26 2.02
CA TRP A 604 -13.89 4.20 1.03
C TRP A 604 -15.27 3.76 0.56
N VAL A 605 -16.30 3.87 1.39
CA VAL A 605 -17.66 3.63 0.91
C VAL A 605 -18.04 4.65 -0.14
N ALA A 606 -17.68 5.92 0.10
CA ALA A 606 -17.94 6.96 -0.90
C ALA A 606 -17.16 6.70 -2.18
N ILE A 607 -15.91 6.27 -2.07
CA ILE A 607 -15.12 5.97 -3.26
C ILE A 607 -15.73 4.80 -4.03
N CYS A 608 -16.19 3.77 -3.32
CA CYS A 608 -16.83 2.64 -3.98
C CYS A 608 -18.10 3.08 -4.69
N LEU A 609 -18.91 3.92 -4.04
CA LEU A 609 -20.11 4.44 -4.69
C LEU A 609 -19.74 5.23 -5.95
N GLY A 610 -18.69 6.04 -5.86
CA GLY A 610 -18.26 6.79 -7.03
C GLY A 610 -17.83 5.89 -8.18
N ARG A 611 -17.10 4.82 -7.86
CA ARG A 611 -16.62 3.91 -8.90
C ARG A 611 -17.70 2.98 -9.44
N ILE A 612 -18.79 2.77 -8.68
CA ILE A 612 -19.84 1.87 -9.15
C ILE A 612 -20.56 2.47 -10.35
N TRP A 613 -20.94 3.74 -10.27
CA TRP A 613 -21.69 4.41 -11.34
C TRP A 613 -20.79 5.24 -12.24
N GLN A 614 -19.53 4.79 -12.43
CA GLN A 614 -18.62 5.45 -13.36
C GLN A 614 -18.88 4.92 -14.76
N ASN A 615 -19.50 5.75 -15.60
CA ASN A 615 -19.89 5.35 -16.95
C ASN A 615 -20.79 4.12 -16.90
N PHE A 616 -21.81 4.18 -16.04
CA PHE A 616 -22.72 3.06 -15.83
C PHE A 616 -24.10 3.64 -15.51
N ASP A 617 -24.95 3.73 -16.52
CA ASP A 617 -26.26 4.36 -16.34
C ASP A 617 -27.16 3.59 -15.39
N SER A 618 -27.10 2.25 -15.41
CA SER A 618 -27.95 1.47 -14.53
C SER A 618 -27.61 1.74 -13.06
N ALA A 619 -26.32 1.85 -12.74
CA ALA A 619 -25.93 2.18 -11.37
C ALA A 619 -26.44 3.57 -10.97
N ARG A 620 -26.37 4.53 -11.90
CA ARG A 620 -26.89 5.86 -11.59
C ARG A 620 -28.40 5.81 -11.34
N TRP A 621 -29.13 5.04 -12.13
CA TRP A 621 -30.57 4.90 -11.90
C TRP A 621 -30.85 4.25 -10.55
N CYS A 622 -30.08 3.22 -10.20
CA CYS A 622 -30.25 2.58 -8.90
C CYS A 622 -30.00 3.57 -7.77
N GLY A 623 -28.94 4.37 -7.89
CA GLY A 623 -28.67 5.37 -6.87
C GLY A 623 -29.77 6.41 -6.77
N VAL A 624 -30.30 6.85 -7.92
CA VAL A 624 -31.38 7.83 -7.91
C VAL A 624 -32.61 7.24 -7.22
N ARG A 625 -32.94 5.98 -7.52
CA ARG A 625 -34.06 5.34 -6.85
C ARG A 625 -33.84 5.28 -5.34
N ASP A 626 -32.61 5.00 -4.92
CA ASP A 626 -32.26 4.97 -3.51
C ASP A 626 -31.96 6.36 -2.94
N SER A 627 -32.07 7.41 -3.75
CA SER A 627 -31.74 8.77 -3.32
C SER A 627 -30.29 8.83 -2.83
N ALA A 628 -29.39 8.24 -3.62
CA ALA A 628 -27.99 8.14 -3.21
C ALA A 628 -27.36 9.53 -3.09
N HIS A 629 -27.66 10.43 -4.03
CA HIS A 629 -27.04 11.75 -3.99
C HIS A 629 -27.46 12.54 -2.76
N GLU A 630 -28.75 12.47 -2.39
CA GLU A 630 -29.21 13.21 -1.21
C GLU A 630 -28.53 12.71 0.05
N LYS A 631 -28.40 11.39 0.20
CA LYS A 631 -27.74 10.84 1.37
C LYS A 631 -26.25 11.15 1.36
N LEU A 632 -25.63 11.15 0.18
CA LEU A 632 -24.21 11.47 0.05
C LEU A 632 -23.91 12.94 0.31
N TYR A 633 -24.90 13.81 0.15
CA TYR A 633 -24.69 15.22 0.43
C TYR A 633 -24.17 15.44 1.85
N SER A 634 -24.55 14.58 2.78
CA SER A 634 -24.14 14.76 4.18
C SER A 634 -22.63 14.70 4.32
N LEU A 635 -21.94 13.90 3.51
CA LEU A 635 -20.50 13.78 3.64
C LEU A 635 -19.76 15.03 3.19
N LEU A 636 -20.43 15.94 2.47
CA LEU A 636 -19.77 17.17 2.04
C LEU A 636 -19.41 18.08 3.21
N SER A 637 -20.06 17.89 4.36
CA SER A 637 -19.75 18.66 5.56
C SER A 637 -18.94 17.85 6.57
N ASP A 638 -18.45 16.68 6.19
CA ASP A 638 -17.71 15.83 7.12
C ASP A 638 -16.44 16.55 7.55
N PRO A 639 -16.13 16.59 8.86
CA PRO A 639 -14.90 17.29 9.28
C PRO A 639 -13.64 16.74 8.65
N ILE A 640 -13.56 15.43 8.40
CA ILE A 640 -12.36 14.84 7.83
C ILE A 640 -12.25 15.24 6.36
N PRO A 641 -11.18 15.91 5.93
CA PRO A 641 -11.08 16.30 4.52
C PRO A 641 -11.10 15.12 3.56
N GLU A 642 -10.58 13.97 3.97
CA GLU A 642 -10.54 12.82 3.07
C GLU A 642 -11.94 12.38 2.67
N VAL A 643 -12.87 12.34 3.64
CA VAL A 643 -14.23 11.94 3.33
C VAL A 643 -14.90 12.96 2.43
N ARG A 644 -14.63 14.25 2.65
CA ARG A 644 -15.18 15.28 1.78
C ARG A 644 -14.67 15.11 0.35
N CYS A 645 -13.37 14.84 0.18
CA CYS A 645 -12.82 14.63 -1.15
C CYS A 645 -13.45 13.40 -1.80
N ALA A 646 -13.62 12.32 -1.04
CA ALA A 646 -14.24 11.12 -1.59
C ALA A 646 -15.68 11.40 -2.02
N ALA A 647 -16.43 12.14 -1.20
CA ALA A 647 -17.80 12.46 -1.56
C ALA A 647 -17.86 13.33 -2.81
N VAL A 648 -16.95 14.30 -2.93
CA VAL A 648 -16.91 15.15 -4.11
C VAL A 648 -16.61 14.31 -5.35
N PHE A 649 -15.65 13.39 -5.24
CA PHE A 649 -15.33 12.52 -6.36
C PHE A 649 -16.54 11.66 -6.75
N ALA A 650 -17.23 11.10 -5.76
CA ALA A 650 -18.39 10.27 -6.03
C ALA A 650 -19.49 11.08 -6.72
N LEU A 651 -19.74 12.29 -6.23
CA LEU A 651 -20.77 13.12 -6.85
C LEU A 651 -20.40 13.50 -8.28
N GLY A 652 -19.12 13.83 -8.51
CA GLY A 652 -18.69 14.13 -9.87
C GLY A 652 -18.86 12.95 -10.80
N THR A 653 -18.50 11.76 -10.34
CA THR A 653 -18.67 10.57 -11.17
C THR A 653 -20.15 10.29 -11.42
N PHE A 654 -21.00 10.51 -10.41
CA PHE A 654 -22.44 10.35 -10.58
C PHE A 654 -22.96 11.31 -11.63
N VAL A 655 -22.47 12.55 -11.63
CA VAL A 655 -22.92 13.55 -12.60
C VAL A 655 -22.43 13.20 -14.00
N GLY A 656 -21.21 12.66 -14.11
CA GLY A 656 -20.56 12.54 -15.39
C GLY A 656 -21.20 11.54 -16.35
N ASN A 657 -22.18 10.75 -15.90
CA ASN A 657 -22.77 9.74 -16.76
C ASN A 657 -24.27 9.95 -16.93
N SER A 658 -24.69 11.20 -17.19
CA SER A 658 -26.11 11.47 -17.42
C SER A 658 -26.59 10.78 -18.69
N ALA A 659 -25.86 10.92 -19.79
CA ALA A 659 -26.17 10.25 -21.05
C ALA A 659 -27.56 10.65 -21.57
N GLU A 660 -27.90 11.93 -21.42
CA GLU A 660 -29.08 12.52 -22.05
C GLU A 660 -30.34 11.74 -21.67
N ARG A 661 -30.67 11.80 -20.38
CA ARG A 661 -31.89 11.17 -19.88
C ARG A 661 -32.98 12.24 -19.70
N THR A 662 -34.11 11.84 -19.14
CA THR A 662 -35.29 12.70 -19.08
C THR A 662 -34.98 13.96 -18.27
N ASP A 663 -35.98 14.84 -18.20
CA ASP A 663 -35.84 16.09 -17.46
C ASP A 663 -35.51 15.85 -15.99
N HIS A 664 -35.94 14.72 -15.43
CA HIS A 664 -35.58 14.41 -14.05
C HIS A 664 -34.08 14.29 -13.89
N SER A 665 -33.40 13.70 -14.86
CA SER A 665 -31.95 13.62 -14.82
C SER A 665 -31.33 15.02 -14.82
N THR A 666 -31.85 15.92 -15.65
CA THR A 666 -31.34 17.28 -15.68
C THR A 666 -31.56 17.97 -14.33
N THR A 667 -32.74 17.78 -13.73
CA THR A 667 -33.02 18.41 -12.44
C THR A 667 -32.08 17.88 -11.36
N ILE A 668 -31.85 16.57 -11.33
CA ILE A 668 -30.96 16.00 -10.33
C ILE A 668 -29.53 16.48 -10.56
N ASP A 669 -29.11 16.56 -11.82
CA ASP A 669 -27.79 17.06 -12.13
C ASP A 669 -27.63 18.51 -11.67
N HIS A 670 -28.65 19.33 -11.89
CA HIS A 670 -28.61 20.72 -11.42
C HIS A 670 -28.54 20.78 -9.90
N ASN A 671 -29.31 19.92 -9.22
CA ASN A 671 -29.30 19.92 -7.76
C ASN A 671 -27.90 19.58 -7.25
N VAL A 672 -27.26 18.57 -7.83
CA VAL A 672 -25.92 18.20 -7.42
C VAL A 672 -24.94 19.33 -7.73
N ALA A 673 -25.11 19.99 -8.88
CA ALA A 673 -24.22 21.08 -9.24
C ALA A 673 -24.31 22.21 -8.23
N MET A 674 -25.52 22.59 -7.83
CA MET A 674 -25.68 23.62 -6.81
C MET A 674 -25.15 23.18 -5.45
N MET A 675 -25.34 21.92 -5.07
CA MET A 675 -24.83 21.47 -3.79
C MET A 675 -23.30 21.48 -3.77
N LEU A 676 -22.66 21.17 -4.90
CA LEU A 676 -21.20 21.26 -4.97
C LEU A 676 -20.71 22.70 -5.11
N ALA A 677 -21.51 23.59 -5.70
CA ALA A 677 -21.09 24.96 -5.91
C ALA A 677 -20.94 25.76 -4.62
N GLN A 678 -21.45 25.26 -3.51
CA GLN A 678 -21.27 25.90 -2.21
C GLN A 678 -20.02 25.42 -1.51
N LEU A 679 -19.22 24.57 -2.17
CA LEU A 679 -18.01 24.00 -1.60
C LEU A 679 -16.75 24.73 -2.03
N VAL A 680 -16.88 25.86 -2.73
CA VAL A 680 -15.71 26.59 -3.18
C VAL A 680 -14.89 27.07 -1.98
N SER A 681 -15.56 27.63 -0.98
CA SER A 681 -14.89 28.13 0.22
C SER A 681 -14.49 26.95 1.10
N ASP A 682 -13.47 26.23 0.64
CA ASP A 682 -12.97 25.05 1.31
C ASP A 682 -11.49 25.21 1.61
N GLY A 683 -11.07 24.78 2.79
CA GLY A 683 -9.68 24.94 3.19
C GLY A 683 -8.74 23.93 2.55
N SER A 684 -9.27 22.78 2.17
CA SER A 684 -8.43 21.71 1.66
C SER A 684 -8.21 21.87 0.15
N PRO A 685 -6.98 22.07 -0.32
CA PRO A 685 -6.77 22.16 -1.77
C PRO A 685 -7.12 20.87 -2.50
N MET A 686 -6.93 19.71 -1.86
CA MET A 686 -7.27 18.44 -2.50
C MET A 686 -8.77 18.34 -2.77
N VAL A 687 -9.58 18.79 -1.80
CA VAL A 687 -11.03 18.77 -2.00
C VAL A 687 -11.42 19.72 -3.12
N ARG A 688 -10.74 20.87 -3.22
CA ARG A 688 -11.03 21.79 -4.30
C ARG A 688 -10.63 21.22 -5.66
N LYS A 689 -9.54 20.45 -5.70
CA LYS A 689 -9.17 19.80 -6.95
C LYS A 689 -10.20 18.75 -7.35
N GLU A 690 -10.68 17.96 -6.39
CA GLU A 690 -11.74 17.02 -6.70
C GLU A 690 -13.00 17.73 -7.16
N LEU A 691 -13.29 18.88 -6.55
CA LEU A 691 -14.41 19.69 -7.00
C LEU A 691 -14.21 20.14 -8.44
N VAL A 692 -13.00 20.58 -8.78
CA VAL A 692 -12.73 21.03 -10.15
C VAL A 692 -12.93 19.89 -11.13
N VAL A 693 -12.52 18.68 -10.76
CA VAL A 693 -12.76 17.52 -11.61
C VAL A 693 -14.26 17.30 -11.77
N ALA A 694 -15.02 17.47 -10.70
CA ALA A 694 -16.46 17.29 -10.79
C ALA A 694 -17.09 18.31 -11.74
N LEU A 695 -16.68 19.57 -11.65
CA LEU A 695 -17.19 20.56 -12.61
C LEU A 695 -16.71 20.30 -14.02
N SER A 696 -15.52 19.70 -14.19
CA SER A 696 -15.11 19.32 -15.54
C SER A 696 -16.04 18.25 -16.11
N HIS A 697 -16.43 17.28 -15.28
CA HIS A 697 -17.42 16.30 -15.71
C HIS A 697 -18.74 16.99 -16.05
N LEU A 698 -19.17 17.92 -15.20
CA LEU A 698 -20.36 18.72 -15.51
C LEU A 698 -20.26 19.37 -16.88
N VAL A 699 -19.13 20.02 -17.16
CA VAL A 699 -18.94 20.70 -18.43
C VAL A 699 -19.05 19.71 -19.58
N VAL A 700 -18.39 18.57 -19.45
CA VAL A 700 -18.46 17.56 -20.50
C VAL A 700 -19.90 17.14 -20.75
N GLN A 701 -20.68 17.00 -19.67
CA GLN A 701 -22.08 16.62 -19.84
C GLN A 701 -22.89 17.69 -20.55
N TYR A 702 -22.57 18.96 -20.31
CA TYR A 702 -23.34 20.10 -20.82
C TYR A 702 -22.44 21.06 -21.57
N GLU A 703 -21.64 20.52 -22.51
CA GLU A 703 -20.68 21.34 -23.24
C GLU A 703 -21.36 22.50 -23.95
N SER A 704 -22.47 22.24 -24.64
CA SER A 704 -23.11 23.29 -25.43
C SER A 704 -23.61 24.43 -24.55
N ASN A 705 -24.23 24.11 -23.41
CA ASN A 705 -24.74 25.15 -22.52
C ASN A 705 -23.60 26.00 -21.99
N PHE A 706 -22.49 25.37 -21.58
CA PHE A 706 -21.36 26.13 -21.09
C PHE A 706 -20.75 27.00 -22.18
N CYS A 707 -20.71 26.49 -23.41
CA CYS A 707 -20.21 27.30 -24.51
C CYS A 707 -21.08 28.52 -24.74
N THR A 708 -22.41 28.34 -24.71
CA THR A 708 -23.31 29.48 -24.87
C THR A 708 -23.13 30.48 -23.74
N VAL A 709 -22.99 29.99 -22.50
CA VAL A 709 -22.81 30.91 -21.38
C VAL A 709 -21.51 31.69 -21.53
N ALA A 710 -20.43 31.00 -21.94
CA ALA A 710 -19.16 31.69 -22.12
C ALA A 710 -19.25 32.74 -23.21
N LEU A 711 -19.92 32.42 -24.32
CA LEU A 711 -20.06 33.38 -25.41
C LEU A 711 -21.00 34.53 -25.03
N GLN A 712 -21.88 34.33 -24.06
CA GLN A 712 -22.82 35.39 -23.68
C GLN A 712 -22.08 36.62 -23.15
N PHE A 713 -21.07 36.42 -22.32
CA PHE A 713 -20.37 37.52 -21.66
C PHE A 713 -19.17 38.03 -22.43
N ILE A 714 -18.88 37.47 -23.60
CA ILE A 714 -17.76 37.94 -24.41
C ILE A 714 -18.24 39.11 -25.28
N SER A 834 -30.05 30.36 -15.30
CA SER A 834 -28.82 30.95 -14.79
C SER A 834 -28.05 29.96 -13.93
N VAL A 835 -28.22 28.68 -14.22
CA VAL A 835 -27.53 27.62 -13.47
C VAL A 835 -26.08 27.48 -13.89
N TYR A 836 -25.83 27.36 -15.19
CA TYR A 836 -24.47 27.14 -15.67
C TYR A 836 -23.59 28.36 -15.43
N THR A 837 -24.20 29.56 -15.36
CA THR A 837 -23.42 30.76 -15.04
C THR A 837 -22.82 30.67 -13.65
N GLN A 838 -23.56 30.12 -12.69
CA GLN A 838 -23.03 29.96 -11.34
C GLN A 838 -21.84 29.00 -11.34
N ILE A 839 -21.93 27.90 -12.10
CA ILE A 839 -20.81 26.97 -12.16
C ILE A 839 -19.62 27.62 -12.85
N TRP A 840 -19.86 28.45 -13.86
CA TRP A 840 -18.77 29.19 -14.48
C TRP A 840 -18.10 30.12 -13.50
N ARG A 841 -18.89 30.81 -12.67
CA ARG A 841 -18.33 31.67 -11.64
C ARG A 841 -17.50 30.86 -10.64
N VAL A 842 -17.99 29.68 -10.26
CA VAL A 842 -17.25 28.83 -9.34
C VAL A 842 -15.92 28.40 -9.95
N LEU A 843 -15.94 28.03 -11.24
CA LEU A 843 -14.71 27.62 -11.90
C LEU A 843 -13.74 28.80 -12.01
N LEU A 844 -14.26 30.00 -12.26
CA LEU A 844 -13.39 31.18 -12.29
C LEU A 844 -12.76 31.42 -10.92
N HIS A 845 -13.55 31.28 -9.86
CA HIS A 845 -12.99 31.41 -8.51
C HIS A 845 -11.89 30.39 -8.28
N LEU A 846 -12.12 29.14 -8.69
CA LEU A 846 -11.10 28.10 -8.55
C LEU A 846 -9.91 28.35 -9.45
N ALA A 847 -10.06 29.15 -10.50
CA ALA A 847 -8.94 29.45 -11.39
C ALA A 847 -7.92 30.36 -10.71
N ALA A 848 -8.40 31.40 -10.04
CA ALA A 848 -7.52 32.28 -9.27
C ALA A 848 -7.32 31.73 -7.86
N ASP A 849 -6.95 30.46 -7.77
CA ASP A 849 -6.80 29.78 -6.49
C ASP A 849 -5.38 29.95 -5.97
N PRO A 850 -5.20 30.13 -4.65
CA PRO A 850 -3.82 30.24 -4.13
C PRO A 850 -2.96 29.03 -4.45
N TYR A 851 -3.53 27.83 -4.44
CA TYR A 851 -2.75 26.63 -4.69
C TYR A 851 -2.40 26.53 -6.18
N PRO A 852 -1.12 26.45 -6.55
CA PRO A 852 -0.80 26.44 -7.99
C PRO A 852 -1.42 25.27 -8.75
N GLU A 853 -1.49 24.10 -8.13
CA GLU A 853 -2.02 22.93 -8.83
C GLU A 853 -3.50 23.08 -9.13
N VAL A 854 -4.29 23.53 -8.14
CA VAL A 854 -5.72 23.72 -8.36
C VAL A 854 -5.96 24.79 -9.41
N SER A 855 -5.20 25.89 -9.34
CA SER A 855 -5.34 26.94 -10.34
C SER A 855 -5.01 26.43 -11.73
N ASP A 856 -3.95 25.64 -11.86
CA ASP A 856 -3.59 25.09 -13.17
C ASP A 856 -4.68 24.19 -13.70
N VAL A 857 -5.23 23.31 -12.85
CA VAL A 857 -6.28 22.40 -13.30
C VAL A 857 -7.51 23.19 -13.74
N ALA A 858 -7.90 24.19 -12.94
CA ALA A 858 -9.07 25.00 -13.30
C ALA A 858 -8.85 25.76 -14.60
N MET A 859 -7.65 26.31 -14.79
CA MET A 859 -7.36 27.04 -16.02
C MET A 859 -7.40 26.11 -17.22
N LYS A 860 -6.85 24.90 -17.08
CA LYS A 860 -6.92 23.93 -18.16
C LYS A 860 -8.38 23.58 -18.48
N VAL A 861 -9.20 23.39 -17.44
CA VAL A 861 -10.61 23.08 -17.67
C VAL A 861 -11.27 24.21 -18.43
N LEU A 862 -11.05 25.46 -18.00
CA LEU A 862 -11.69 26.59 -18.66
C LEU A 862 -11.24 26.72 -20.12
N ASN A 863 -9.93 26.53 -20.37
CA ASN A 863 -9.45 26.57 -21.73
C ASN A 863 -10.07 25.45 -22.57
N SER A 864 -10.39 24.32 -21.95
CA SER A 864 -11.09 23.27 -22.66
C SER A 864 -12.51 23.68 -23.05
N ILE A 865 -13.08 24.68 -22.38
CA ILE A 865 -14.40 25.18 -22.74
C ILE A 865 -14.30 26.31 -23.76
N ALA A 866 -13.22 27.08 -23.70
CA ALA A 866 -13.09 28.24 -24.59
C ALA A 866 -13.09 27.81 -26.05
N TYR A 867 -12.38 26.74 -26.38
CA TYR A 867 -12.24 26.29 -27.77
C TYR A 867 -13.32 25.26 -28.11
N LYS A 868 -14.56 25.64 -27.82
CA LYS A 868 -15.72 24.81 -28.15
C LYS A 868 -16.95 25.67 -28.37
N PHE A 978 -10.63 16.68 -27.97
CA PHE A 978 -11.81 17.01 -27.17
C PHE A 978 -11.85 16.14 -25.91
N ILE A 979 -11.86 14.82 -26.11
CA ILE A 979 -11.90 13.91 -24.97
C ILE A 979 -10.60 13.99 -24.18
N SER A 980 -9.49 14.31 -24.84
CA SER A 980 -8.21 14.40 -24.14
C SER A 980 -8.22 15.45 -23.05
N ALA A 981 -9.11 16.44 -23.13
CA ALA A 981 -9.21 17.46 -22.09
C ALA A 981 -9.60 16.89 -20.74
N THR A 982 -10.27 15.73 -20.71
CA THR A 982 -10.65 15.12 -19.43
C THR A 982 -9.41 14.71 -18.66
N VAL A 983 -9.40 15.01 -17.36
CA VAL A 983 -8.28 14.70 -16.48
C VAL A 983 -8.83 14.06 -15.22
N GLN A 984 -8.20 12.98 -14.79
CA GLN A 984 -8.57 12.27 -13.56
C GLN A 984 -7.46 12.43 -12.53
N THR A 985 -7.83 12.90 -11.34
CA THR A 985 -6.85 13.11 -10.28
C THR A 985 -6.42 11.77 -9.68
N GLY A 986 -5.34 11.81 -8.91
CA GLY A 986 -4.79 10.62 -8.31
C GLY A 986 -5.21 10.42 -6.87
N PHE A 987 -6.28 11.07 -6.44
CA PHE A 987 -6.74 10.94 -5.07
C PHE A 987 -7.14 9.51 -4.75
N CYS A 988 -7.88 8.86 -5.65
CA CYS A 988 -8.35 7.50 -5.39
C CYS A 988 -7.18 6.54 -5.24
N ASP A 989 -6.20 6.63 -6.14
CA ASP A 989 -5.03 5.76 -6.04
C ASP A 989 -4.18 6.12 -4.82
N TRP A 990 -4.09 7.39 -4.47
CA TRP A 990 -3.37 7.78 -3.27
C TRP A 990 -4.00 7.16 -2.03
N SER A 991 -5.33 7.19 -1.95
CA SER A 991 -6.01 6.55 -0.84
C SER A 991 -5.80 5.04 -0.85
N ALA A 992 -5.89 4.42 -2.03
CA ALA A 992 -5.62 2.98 -2.14
C ALA A 992 -4.21 2.63 -1.69
N ARG A 993 -3.26 3.57 -1.83
CA ARG A 993 -1.90 3.31 -1.37
C ARG A 993 -1.84 3.02 0.13
N TYR A 994 -2.85 3.44 0.89
CA TYR A 994 -2.83 3.23 2.34
C TYR A 994 -2.75 1.74 2.67
N PHE A 995 -3.53 0.91 1.98
CA PHE A 995 -3.54 -0.52 2.26
C PHE A 995 -2.23 -1.21 1.87
N ALA A 996 -1.44 -0.60 1.00
CA ALA A 996 -0.14 -1.18 0.67
C ALA A 996 0.85 -1.03 1.83
N GLN A 997 0.77 0.06 2.58
CA GLN A 997 1.68 0.28 3.69
C GLN A 997 1.30 -0.61 4.88
N PRO A 998 2.27 -0.99 5.71
CA PRO A 998 1.94 -1.79 6.89
C PRO A 998 1.02 -1.04 7.84
N VAL A 999 0.11 -1.78 8.46
CA VAL A 999 -0.84 -1.24 9.42
C VAL A 999 -0.63 -1.81 10.82
N MET A 1000 -0.30 -3.10 10.91
CA MET A 1000 -0.23 -3.76 12.21
C MET A 1000 0.87 -3.17 13.09
N LYS A 1001 2.03 -2.87 12.51
CA LYS A 1001 3.17 -2.45 13.31
C LYS A 1001 2.90 -1.10 13.97
N ILE A 1002 3.59 -0.87 15.08
CA ILE A 1002 3.40 0.36 15.85
C ILE A 1002 3.89 1.56 15.02
N PRO A 1003 3.22 2.71 15.09
CA PRO A 1003 3.73 3.89 14.38
C PRO A 1003 5.08 4.34 14.92
N GLU A 1004 5.87 4.97 14.05
CA GLU A 1004 7.18 5.44 14.46
C GLU A 1004 7.10 6.50 15.56
N GLU A 1005 6.03 7.29 15.57
CA GLU A 1005 5.90 8.34 16.58
C GLU A 1005 5.87 7.75 17.98
N HIS A 1006 5.13 6.65 18.17
CA HIS A 1006 5.06 6.01 19.48
C HIS A 1006 6.38 5.41 19.91
N ASP A 1007 7.31 5.19 18.99
CA ASP A 1007 8.61 4.62 19.33
C ASP A 1007 9.38 5.60 20.20
N LEU A 1008 9.73 5.17 21.41
CA LEU A 1008 10.41 6.07 22.35
C LEU A 1008 11.86 6.29 21.96
N GLU A 1009 12.52 5.26 21.44
CA GLU A 1009 13.94 5.33 21.12
C GLU A 1009 14.21 5.74 19.67
N SER A 1010 13.17 6.08 18.91
CA SER A 1010 13.35 6.45 17.52
C SER A 1010 14.09 7.79 17.42
N GLN A 1011 14.77 7.98 16.28
CA GLN A 1011 15.52 9.22 16.07
C GLN A 1011 14.60 10.43 16.03
N ILE A 1012 13.42 10.28 15.44
CA ILE A 1012 12.52 11.43 15.27
C ILE A 1012 12.06 11.93 16.64
N ARG A 1013 11.67 11.02 17.52
CA ARG A 1013 11.24 11.43 18.86
C ARG A 1013 12.40 12.02 19.65
N LYS A 1014 13.61 11.49 19.48
CA LYS A 1014 14.75 12.08 20.16
C LYS A 1014 15.00 13.50 19.69
N GLU A 1015 14.91 13.74 18.38
CA GLU A 1015 15.07 15.09 17.87
C GLU A 1015 13.99 16.03 18.40
N ARG A 1016 12.74 15.54 18.45
CA ARG A 1016 11.66 16.35 18.99
C ARG A 1016 11.91 16.67 20.46
N GLU A 1017 12.40 15.69 21.23
CA GLU A 1017 12.70 15.93 22.64
C GLU A 1017 13.81 16.97 22.78
N TRP A 1018 14.83 16.89 21.93
CA TRP A 1018 15.90 17.90 21.98
C TRP A 1018 15.35 19.28 21.65
N ARG A 1019 14.46 19.36 20.66
CA ARG A 1019 13.86 20.65 20.30
C ARG A 1019 13.04 21.20 21.46
N PHE A 1020 12.28 20.34 22.14
CA PHE A 1020 11.48 20.80 23.29
C PHE A 1020 12.38 21.23 24.45
N LEU A 1021 13.48 20.52 24.67
CA LEU A 1021 14.44 20.95 25.69
C LEU A 1021 15.02 22.32 25.34
N ARG A 1022 15.35 22.54 24.06
CA ARG A 1022 15.85 23.84 23.65
C ARG A 1022 14.81 24.92 23.87
N ASN A 1023 13.55 24.63 23.55
CA ASN A 1023 12.48 25.61 23.76
C ASN A 1023 12.31 25.92 25.24
N SER A 1024 12.37 24.90 26.09
CA SER A 1024 12.27 25.13 27.53
C SER A 1024 13.43 25.98 28.03
N ARG A 1025 14.63 25.70 27.53
CA ARG A 1025 15.78 26.52 27.91
C ARG A 1025 15.61 27.96 27.46
N VAL A 1026 15.08 28.16 26.25
CA VAL A 1026 14.86 29.51 25.74
C VAL A 1026 13.87 30.25 26.62
N ARG A 1027 12.77 29.58 26.98
CA ARG A 1027 11.78 30.22 27.85
C ARG A 1027 12.37 30.55 29.21
N ARG A 1028 13.12 29.63 29.79
CA ARG A 1028 13.72 29.88 31.10
C ARG A 1028 14.69 31.07 31.02
N GLN A 1029 15.51 31.12 29.99
CA GLN A 1029 16.45 32.24 29.84
C GLN A 1029 15.70 33.55 29.65
N ALA A 1030 14.64 33.55 28.85
CA ALA A 1030 13.87 34.78 28.65
C ALA A 1030 13.25 35.25 29.96
N GLN A 1031 12.69 34.33 30.74
CA GLN A 1031 12.12 34.72 32.03
C GLN A 1031 13.19 35.25 32.96
N GLN A 1032 14.37 34.62 32.97
CA GLN A 1032 15.45 35.10 33.82
C GLN A 1032 15.87 36.51 33.42
N VAL A 1033 16.00 36.76 32.11
CA VAL A 1033 16.38 38.09 31.65
C VAL A 1033 15.33 39.12 32.03
N ILE A 1034 14.05 38.77 31.87
CA ILE A 1034 12.99 39.73 32.20
C ILE A 1034 12.97 40.00 33.70
N GLN A 1035 13.22 38.98 34.51
CA GLN A 1035 13.21 39.17 35.96
C GLN A 1035 14.27 40.16 36.40
N LYS A 1036 15.36 40.30 35.63
CA LYS A 1036 16.43 41.23 35.96
C LYS A 1036 16.12 42.66 35.55
N GLY A 1037 14.92 42.92 35.02
CA GLY A 1037 14.56 44.25 34.57
C GLY A 1037 14.97 44.51 33.14
N ILE A 1038 14.54 45.66 32.63
CA ILE A 1038 14.80 46.07 31.26
C ILE A 1038 15.65 47.33 31.30
N THR A 1039 16.80 47.28 30.62
CA THR A 1039 17.69 48.41 30.49
C THR A 1039 17.56 49.00 29.08
N ARG A 1040 18.13 50.19 28.88
CA ARG A 1040 18.09 50.82 27.58
C ARG A 1040 18.65 49.87 26.52
N LEU A 1041 17.92 49.71 25.43
CA LEU A 1041 18.31 48.83 24.32
C LEU A 1041 18.63 49.69 23.11
N ASP A 1042 19.93 49.87 22.85
CA ASP A 1042 20.41 50.63 21.71
C ASP A 1042 21.37 49.83 20.83
N ASP A 1043 21.63 48.57 21.17
CA ASP A 1043 22.58 47.76 20.42
C ASP A 1043 22.00 47.42 19.04
N GLN A 1044 22.79 47.63 17.99
CA GLN A 1044 22.42 47.29 16.63
C GLN A 1044 23.18 46.04 16.22
N ILE A 1045 22.50 44.89 16.25
CA ILE A 1045 23.17 43.64 15.94
C ILE A 1045 23.68 43.63 14.50
N PHE A 1046 22.84 44.08 13.56
CA PHE A 1046 23.25 44.13 12.17
C PHE A 1046 22.39 45.13 11.42
N LEU A 1047 22.98 45.73 10.39
CA LEU A 1047 22.28 46.62 9.47
C LEU A 1047 22.52 46.11 8.05
N ASN A 1048 21.45 45.97 7.29
CA ASN A 1048 21.51 45.40 5.95
C ASN A 1048 20.63 46.21 5.00
N ARG A 1049 20.47 45.70 3.79
CA ARG A 1049 19.61 46.31 2.78
C ARG A 1049 18.74 45.21 2.16
N ASN A 1050 17.46 45.51 1.95
CA ASN A 1050 16.52 44.57 1.37
C ASN A 1050 16.13 45.00 -0.04
N PRO A 1051 15.80 44.04 -0.91
CA PRO A 1051 15.40 44.43 -2.27
C PRO A 1051 14.12 45.25 -2.32
N GLY A 1052 13.20 45.06 -1.37
CA GLY A 1052 11.94 45.75 -1.34
C GLY A 1052 11.67 46.39 0.02
N VAL A 1053 10.43 46.87 0.15
CA VAL A 1053 9.99 47.51 1.40
C VAL A 1053 9.64 46.43 2.41
N PRO A 1054 10.27 46.40 3.58
CA PRO A 1054 9.82 45.47 4.63
C PRO A 1054 8.43 45.83 5.14
N SER A 1055 7.46 44.96 4.89
CA SER A 1055 6.07 45.25 5.25
C SER A 1055 5.74 44.70 6.65
N VAL A 1056 5.86 43.38 6.82
CA VAL A 1056 5.59 42.73 8.10
C VAL A 1056 6.80 41.86 8.45
N VAL A 1057 7.25 41.97 9.70
CA VAL A 1057 8.39 41.21 10.20
C VAL A 1057 7.88 40.31 11.32
N LYS A 1058 8.22 39.01 11.24
CA LYS A 1058 7.82 38.04 12.24
C LYS A 1058 9.04 37.25 12.69
N PHE A 1059 9.20 37.13 14.00
CA PHE A 1059 10.32 36.41 14.58
C PHE A 1059 9.95 34.96 14.84
N HIS A 1060 10.84 34.05 14.49
CA HIS A 1060 10.65 32.66 14.88
C HIS A 1060 10.87 32.52 16.37
N PRO A 1061 9.92 31.95 17.13
CA PRO A 1061 10.03 32.05 18.60
C PRO A 1061 11.33 31.51 19.18
N PHE A 1062 11.86 30.41 18.64
CA PHE A 1062 13.01 29.75 19.24
C PHE A 1062 14.25 29.82 18.36
N THR A 1063 14.18 29.35 17.12
CA THR A 1063 15.36 29.35 16.26
C THR A 1063 15.68 30.78 15.81
N PRO A 1064 16.96 31.10 15.62
CA PRO A 1064 17.32 32.48 15.23
C PRO A 1064 17.01 32.77 13.77
N CYS A 1065 15.74 33.01 13.48
CA CYS A 1065 15.29 33.32 12.12
C CYS A 1065 14.15 34.33 12.18
N ILE A 1066 14.19 35.33 11.32
CA ILE A 1066 13.11 36.30 11.17
C ILE A 1066 12.64 36.26 9.72
N ALA A 1067 11.33 36.18 9.53
CA ALA A 1067 10.73 36.17 8.21
C ALA A 1067 10.24 37.58 7.90
N VAL A 1068 10.88 38.23 6.93
CA VAL A 1068 10.50 39.58 6.50
C VAL A 1068 9.81 39.46 5.15
N ALA A 1069 8.58 39.95 5.08
CA ALA A 1069 7.77 39.86 3.87
C ALA A 1069 7.80 41.18 3.14
N ASP A 1070 8.00 41.12 1.83
CA ASP A 1070 8.06 42.29 0.98
C ASP A 1070 6.80 42.34 0.11
N LYS A 1071 6.75 43.30 -0.81
CA LYS A 1071 5.60 43.39 -1.71
C LYS A 1071 5.52 42.15 -2.60
N ASP A 1072 6.65 41.66 -3.09
CA ASP A 1072 6.69 40.54 -4.03
C ASP A 1072 7.68 39.45 -3.60
N SER A 1073 8.06 39.42 -2.33
CA SER A 1073 9.02 38.43 -1.86
C SER A 1073 8.91 38.33 -0.34
N ILE A 1074 9.52 37.27 0.19
CA ILE A 1074 9.56 37.02 1.63
C ILE A 1074 10.98 36.57 1.97
N CYS A 1075 11.73 37.44 2.65
CA CYS A 1075 13.10 37.15 3.02
C CYS A 1075 13.16 36.55 4.42
N PHE A 1076 14.18 35.73 4.65
CA PHE A 1076 14.42 35.09 5.95
C PHE A 1076 15.86 35.39 6.37
N TRP A 1077 16.01 36.30 7.34
CA TRP A 1077 17.31 36.71 7.82
C TRP A 1077 17.56 36.17 9.23
N ASP A 1078 18.83 36.11 9.60
CA ASP A 1078 19.27 35.66 10.91
C ASP A 1078 20.05 36.77 11.60
N TRP A 1079 19.91 36.86 12.92
CA TRP A 1079 20.63 37.87 13.70
C TRP A 1079 21.84 37.29 14.42
N GLU A 1080 22.23 36.05 14.11
CA GLU A 1080 23.45 35.46 14.63
C GLU A 1080 24.51 35.31 13.55
N LYS A 1081 24.16 34.68 12.43
CA LYS A 1081 25.08 34.59 11.31
C LYS A 1081 25.05 35.84 10.44
N GLY A 1082 23.95 36.59 10.49
CA GLY A 1082 23.83 37.81 9.69
C GLY A 1082 23.92 37.57 8.20
N GLU A 1083 23.27 36.52 7.70
CA GLU A 1083 23.30 36.18 6.28
C GLU A 1083 21.90 35.91 5.79
N LYS A 1084 21.61 36.33 4.56
CA LYS A 1084 20.33 36.05 3.94
C LYS A 1084 20.20 34.55 3.70
N LEU A 1085 19.10 33.97 4.17
CA LEU A 1085 18.91 32.52 4.04
C LEU A 1085 18.12 32.18 2.78
N ASP A 1086 16.95 32.81 2.61
CA ASP A 1086 16.05 32.48 1.51
C ASP A 1086 15.41 33.75 0.98
N TYR A 1087 14.88 33.64 -0.24
CA TYR A 1087 14.21 34.76 -0.90
C TYR A 1087 13.08 34.18 -1.74
N PHE A 1088 11.86 34.28 -1.24
CA PHE A 1088 10.71 33.67 -1.88
C PHE A 1088 10.05 34.62 -2.86
N HIS A 1089 9.12 34.07 -3.64
CA HIS A 1089 8.14 34.84 -4.40
C HIS A 1089 6.77 34.31 -3.98
N ASN A 1090 6.11 35.04 -3.08
CA ASN A 1090 4.90 34.51 -2.44
C ASN A 1090 3.86 34.07 -3.46
N GLY A 1091 3.83 34.71 -4.64
CA GLY A 1091 2.97 34.31 -5.72
C GLY A 1091 1.76 35.19 -5.93
N ASN A 1092 1.47 36.10 -5.00
CA ASN A 1092 0.32 36.97 -5.17
C ASN A 1092 0.58 38.01 -6.26
N PRO A 1093 -0.48 38.55 -6.88
CA PRO A 1093 -0.28 39.51 -7.98
C PRO A 1093 0.25 40.86 -7.51
N ARG A 1094 0.42 41.80 -8.45
CA ARG A 1094 1.01 43.09 -8.13
C ARG A 1094 0.12 43.89 -7.18
N TYR A 1095 -1.17 44.01 -7.50
CA TYR A 1095 -2.06 44.82 -6.68
C TYR A 1095 -2.12 44.33 -5.24
N THR A 1096 -1.91 43.04 -5.03
CA THR A 1096 -2.00 42.44 -3.71
C THR A 1096 -0.72 42.71 -2.91
N ARG A 1097 -0.79 42.39 -1.61
CA ARG A 1097 0.32 42.64 -0.70
C ARG A 1097 0.19 41.68 0.48
N VAL A 1098 1.33 41.25 1.00
CA VAL A 1098 1.35 40.39 2.18
C VAL A 1098 1.13 41.27 3.41
N THR A 1099 -0.03 41.11 4.05
CA THR A 1099 -0.39 41.91 5.22
C THR A 1099 -0.08 41.20 6.54
N ALA A 1100 -0.62 40.01 6.72
CA ALA A 1100 -0.45 39.25 7.96
C ALA A 1100 0.49 38.07 7.74
N MET A 1101 1.17 37.68 8.81
CA MET A 1101 2.09 36.55 8.77
C MET A 1101 2.10 35.89 10.14
N GLU A 1102 2.38 34.59 10.15
CA GLU A 1102 2.37 33.83 11.39
C GLU A 1102 3.27 32.61 11.25
N TYR A 1103 3.60 32.01 12.39
CA TYR A 1103 4.49 30.85 12.45
C TYR A 1103 3.70 29.69 13.06
N LEU A 1104 3.13 28.85 12.20
CA LEU A 1104 2.42 27.67 12.68
C LEU A 1104 3.41 26.63 13.20
N ASN A 1105 3.00 25.91 14.24
CA ASN A 1105 3.81 24.86 14.85
C ASN A 1105 5.18 25.40 15.23
N GLY A 1106 5.18 26.52 15.97
CA GLY A 1106 6.44 27.15 16.33
C GLY A 1106 7.34 26.26 17.18
N GLN A 1107 6.74 25.40 18.01
CA GLN A 1107 7.54 24.56 18.89
C GLN A 1107 8.46 23.65 18.09
N ASP A 1108 7.95 23.05 17.01
CA ASP A 1108 8.76 22.17 16.18
C ASP A 1108 8.13 22.06 14.80
N CYS A 1109 8.95 21.73 13.81
CA CYS A 1109 8.51 21.57 12.44
C CYS A 1109 7.66 22.77 12.01
N SER A 1110 8.21 23.95 12.23
CA SER A 1110 7.46 25.19 12.03
C SER A 1110 7.09 25.39 10.58
N LEU A 1111 5.89 25.91 10.36
CA LEU A 1111 5.44 26.38 9.06
C LEU A 1111 5.31 27.89 9.10
N LEU A 1112 5.09 28.49 7.92
CA LEU A 1112 4.91 29.93 7.79
C LEU A 1112 3.59 30.18 7.07
N LEU A 1113 2.65 30.81 7.77
CA LEU A 1113 1.38 31.19 7.19
C LEU A 1113 1.45 32.64 6.71
N THR A 1114 1.33 32.84 5.41
CA THR A 1114 1.40 34.16 4.81
C THR A 1114 0.04 34.47 4.21
N ALA A 1115 -0.61 35.53 4.70
CA ALA A 1115 -1.95 35.90 4.27
C ALA A 1115 -1.89 37.25 3.57
N THR A 1116 -2.39 37.29 2.35
CA THR A 1116 -2.36 38.51 1.55
C THR A 1116 -3.65 39.32 1.75
N ASP A 1117 -3.61 40.57 1.29
CA ASP A 1117 -4.75 41.48 1.45
C ASP A 1117 -5.99 41.00 0.72
N ASP A 1118 -5.84 40.19 -0.34
CA ASP A 1118 -6.99 39.74 -1.11
C ASP A 1118 -7.68 38.53 -0.51
N GLY A 1119 -7.09 37.91 0.52
CA GLY A 1119 -7.73 36.80 1.20
C GLY A 1119 -7.00 35.48 1.05
N ALA A 1120 -6.07 35.42 0.09
CA ALA A 1120 -5.34 34.19 -0.17
C ALA A 1120 -4.41 33.88 1.00
N ILE A 1121 -4.68 32.77 1.69
CA ILE A 1121 -3.82 32.28 2.77
C ILE A 1121 -3.07 31.06 2.25
N ARG A 1122 -1.75 31.07 2.41
CA ARG A 1122 -0.90 29.99 1.93
C ARG A 1122 0.12 29.66 3.01
N VAL A 1123 0.50 28.39 3.08
CA VAL A 1123 1.40 27.89 4.11
C VAL A 1123 2.68 27.39 3.45
N TRP A 1124 3.82 27.75 4.03
CA TRP A 1124 5.13 27.42 3.49
C TRP A 1124 5.87 26.48 4.44
N LYS A 1125 6.69 25.61 3.86
CA LYS A 1125 7.48 24.65 4.62
C LYS A 1125 8.90 24.62 4.08
N ASN A 1126 9.84 24.21 4.92
CA ASN A 1126 11.26 24.14 4.57
C ASN A 1126 11.75 25.50 4.07
N PHE A 1127 11.43 26.55 4.83
CA PHE A 1127 11.73 27.91 4.43
C PHE A 1127 13.11 28.39 4.88
N ALA A 1128 13.76 27.67 5.79
CA ALA A 1128 15.09 28.05 6.27
C ALA A 1128 15.96 26.81 6.39
N ASP A 1129 15.90 25.94 5.38
CA ASP A 1129 16.67 24.70 5.36
C ASP A 1129 17.74 24.77 4.28
N LEU A 1130 18.82 24.03 4.51
CA LEU A 1130 19.95 24.03 3.58
C LEU A 1130 19.72 23.09 2.42
N GLU A 1131 19.24 21.87 2.71
CA GLU A 1131 19.11 20.83 1.71
C GLU A 1131 17.68 20.69 1.17
N LYS A 1132 16.78 21.60 1.53
CA LYS A 1132 15.40 21.56 1.08
C LYS A 1132 15.02 22.90 0.45
N ASN A 1133 14.29 22.82 -0.65
CA ASN A 1133 13.79 24.00 -1.34
C ASN A 1133 12.49 24.46 -0.72
N PRO A 1134 12.07 25.70 -1.01
CA PRO A 1134 10.77 26.16 -0.49
C PRO A 1134 9.64 25.26 -0.97
N GLU A 1135 8.69 25.01 -0.08
CA GLU A 1135 7.58 24.11 -0.36
C GLU A 1135 6.27 24.73 0.11
N MET A 1136 5.19 24.41 -0.61
CA MET A 1136 3.85 24.89 -0.28
C MET A 1136 3.06 23.72 0.28
N VAL A 1137 2.56 23.87 1.50
CA VAL A 1137 1.81 22.79 2.15
C VAL A 1137 0.35 22.84 1.74
N THR A 1138 -0.32 23.95 2.05
CA THR A 1138 -1.73 24.11 1.72
C THR A 1138 -2.02 25.61 1.58
N ALA A 1139 -3.12 25.90 0.90
CA ALA A 1139 -3.56 27.28 0.73
C ALA A 1139 -5.04 27.28 0.41
N TRP A 1140 -5.71 28.38 0.76
CA TRP A 1140 -7.15 28.46 0.59
C TRP A 1140 -7.58 29.91 0.71
N GLN A 1141 -8.43 30.35 -0.22
CA GLN A 1141 -8.89 31.74 -0.25
C GLN A 1141 -9.77 32.01 0.96
N GLY A 1142 -9.31 32.89 1.85
CA GLY A 1142 -10.09 33.26 3.01
C GLY A 1142 -10.90 34.53 2.77
N LEU A 1143 -11.96 34.68 3.57
CA LEU A 1143 -12.85 35.83 3.48
C LEU A 1143 -13.45 35.83 2.06
N SER A 1144 -13.42 36.95 1.34
CA SER A 1144 -13.98 37.01 0.00
C SER A 1144 -15.47 36.68 0.01
N ALA A 1153 -6.47 48.60 5.66
CA ALA A 1153 -6.20 47.61 6.70
C ALA A 1153 -5.64 46.33 6.09
N GLY A 1154 -6.10 46.00 4.89
CA GLY A 1154 -5.65 44.79 4.21
C GLY A 1154 -6.36 43.57 4.76
N MET A 1155 -5.61 42.69 5.43
CA MET A 1155 -6.16 41.49 6.02
C MET A 1155 -5.32 41.10 7.23
N VAL A 1156 -5.98 40.69 8.30
CA VAL A 1156 -5.33 40.38 9.56
C VAL A 1156 -5.59 38.92 9.91
N VAL A 1157 -4.56 38.26 10.45
CA VAL A 1157 -4.63 36.85 10.80
C VAL A 1157 -4.12 36.69 12.23
N ASP A 1158 -4.73 35.77 12.98
CA ASP A 1158 -4.38 35.53 14.37
C ASP A 1158 -4.44 34.04 14.60
N TRP A 1159 -3.27 33.40 14.70
CA TRP A 1159 -3.19 31.96 14.89
C TRP A 1159 -3.25 31.61 16.36
N GLU A 1160 -3.95 30.51 16.67
CA GLU A 1160 -4.07 30.00 18.03
C GLU A 1160 -3.64 28.54 18.03
N GLN A 1161 -2.43 28.27 18.54
CA GLN A 1161 -1.86 26.94 18.43
C GLN A 1161 -2.56 25.96 19.35
N GLU A 1162 -2.91 26.37 20.58
CA GLU A 1162 -3.43 25.44 21.56
C GLU A 1162 -4.68 24.73 21.06
N THR A 1163 -5.63 25.49 20.53
CA THR A 1163 -6.89 24.93 20.04
C THR A 1163 -6.89 24.64 18.55
N GLY A 1164 -5.84 25.04 17.83
CA GLY A 1164 -5.74 24.75 16.41
C GLY A 1164 -6.58 25.62 15.51
N LEU A 1165 -7.21 26.66 16.03
CA LEU A 1165 -8.07 27.53 15.24
C LEU A 1165 -7.25 28.63 14.58
N LEU A 1166 -7.80 29.18 13.50
CA LEU A 1166 -7.18 30.27 12.77
C LEU A 1166 -8.26 31.26 12.38
N MET A 1167 -8.07 32.53 12.74
CA MET A 1167 -9.07 33.56 12.56
C MET A 1167 -8.54 34.62 11.60
N SER A 1168 -9.38 34.99 10.62
CA SER A 1168 -9.00 35.94 9.59
C SER A 1168 -10.03 37.06 9.50
N SER A 1169 -9.56 38.27 9.21
CA SER A 1169 -10.42 39.42 9.06
C SER A 1169 -9.72 40.45 8.18
N GLY A 1170 -10.51 41.40 7.68
CA GLY A 1170 -9.96 42.44 6.82
C GLY A 1170 -10.97 43.52 6.49
N ASP A 1171 -10.97 43.97 5.22
CA ASP A 1171 -11.90 45.01 4.81
C ASP A 1171 -13.35 44.58 4.98
N VAL A 1172 -13.63 43.27 4.96
CA VAL A 1172 -14.99 42.80 5.11
C VAL A 1172 -15.47 43.02 6.54
N ARG A 1173 -16.80 43.01 6.71
CA ARG A 1173 -17.44 43.19 8.00
C ARG A 1173 -17.59 41.87 8.75
N ILE A 1174 -16.72 40.91 8.49
CA ILE A 1174 -16.90 39.53 8.93
C ILE A 1174 -15.57 39.05 9.51
N VAL A 1175 -15.64 38.33 10.63
CA VAL A 1175 -14.49 37.72 11.26
C VAL A 1175 -14.65 36.22 11.14
N ARG A 1176 -13.93 35.63 10.17
CA ARG A 1176 -14.02 34.20 9.91
C ARG A 1176 -13.14 33.42 10.88
N ILE A 1177 -13.57 32.20 11.20
CA ILE A 1177 -12.86 31.33 12.13
C ILE A 1177 -12.54 30.05 11.37
N TRP A 1178 -11.30 29.94 10.89
CA TRP A 1178 -10.87 28.77 10.15
C TRP A 1178 -10.25 27.74 11.08
N ASP A 1179 -10.67 26.49 10.93
CA ASP A 1179 -10.14 25.38 11.72
C ASP A 1179 -9.21 24.56 10.82
N THR A 1180 -7.93 24.52 11.18
CA THR A 1180 -6.96 23.78 10.38
C THR A 1180 -7.12 22.28 10.53
N ASP A 1181 -7.68 21.80 11.64
CA ASP A 1181 -7.90 20.37 11.80
C ASP A 1181 -8.95 19.87 10.82
N ARG A 1182 -10.08 20.56 10.73
CA ARG A 1182 -11.15 20.20 9.79
C ARG A 1182 -11.01 20.94 8.46
N GLU A 1183 -10.16 21.96 8.38
CA GLU A 1183 -9.96 22.71 7.14
C GLU A 1183 -11.28 23.28 6.62
N MET A 1184 -12.13 23.72 7.54
CA MET A 1184 -13.40 24.35 7.18
C MET A 1184 -13.67 25.51 8.12
N LYS A 1185 -14.37 26.51 7.62
CA LYS A 1185 -14.76 27.65 8.44
C LYS A 1185 -15.80 27.20 9.46
N VAL A 1186 -15.47 27.32 10.74
CA VAL A 1186 -16.31 26.78 11.81
C VAL A 1186 -17.40 27.76 12.22
N GLN A 1187 -17.03 29.02 12.43
CA GLN A 1187 -17.99 30.04 12.85
C GLN A 1187 -17.82 31.30 12.01
N ASP A 1188 -18.87 32.12 12.01
CA ASP A 1188 -18.94 33.37 11.25
C ASP A 1188 -19.59 34.42 12.16
N ILE A 1189 -18.76 35.15 12.89
CA ILE A 1189 -19.25 36.17 13.82
C ILE A 1189 -19.28 37.51 13.09
N PRO A 1190 -20.44 38.17 12.95
CA PRO A 1190 -20.47 39.47 12.26
C PRO A 1190 -19.66 40.51 13.02
N THR A 1191 -18.99 41.39 12.26
CA THR A 1191 -18.27 42.49 12.89
C THR A 1191 -19.24 43.56 13.40
N GLY A 1192 -20.32 43.80 12.66
CA GLY A 1192 -21.27 44.82 13.04
C GLY A 1192 -20.72 46.23 13.00
N ALA A 1193 -19.90 46.53 12.01
CA ALA A 1193 -19.33 47.87 11.87
C ALA A 1193 -18.96 48.10 10.42
N ASP A 1194 -19.04 49.37 10.00
CA ASP A 1194 -18.70 49.72 8.63
C ASP A 1194 -17.20 49.69 8.41
N SER A 1195 -16.41 50.14 9.39
CA SER A 1195 -14.97 50.23 9.23
C SER A 1195 -14.34 48.84 9.19
N CYS A 1196 -13.15 48.78 8.58
CA CYS A 1196 -12.42 47.54 8.44
C CYS A 1196 -11.73 47.16 9.75
N VAL A 1197 -11.39 45.88 9.87
CA VAL A 1197 -10.70 45.36 11.05
C VAL A 1197 -9.21 45.55 10.81
N THR A 1198 -8.63 46.54 11.49
CA THR A 1198 -7.22 46.85 11.29
C THR A 1198 -6.31 45.86 12.01
N SER A 1199 -6.74 45.33 13.14
CA SER A 1199 -5.92 44.41 13.93
C SER A 1199 -6.81 43.35 14.55
N LEU A 1200 -6.19 42.25 14.97
CA LEU A 1200 -6.92 41.13 15.54
C LEU A 1200 -6.01 40.35 16.47
N SER A 1201 -6.56 39.95 17.62
CA SER A 1201 -5.81 39.19 18.61
C SER A 1201 -6.78 38.42 19.48
N CYS A 1202 -6.24 37.48 20.26
CA CYS A 1202 -7.05 36.66 21.15
C CYS A 1202 -6.29 36.38 22.43
N ASP A 1203 -7.02 35.98 23.46
CA ASP A 1203 -6.45 35.58 24.74
C ASP A 1203 -6.48 34.06 24.84
N SER A 1204 -5.35 33.47 25.21
CA SER A 1204 -5.25 32.02 25.28
C SER A 1204 -6.14 31.48 26.40
N HIS A 1205 -6.71 30.30 26.16
CA HIS A 1205 -7.57 29.59 27.10
C HIS A 1205 -8.89 30.31 27.32
N ARG A 1206 -9.20 31.34 26.54
CA ARG A 1206 -10.46 32.06 26.65
C ARG A 1206 -10.89 32.53 25.27
N SER A 1207 -12.19 32.76 25.14
CA SER A 1207 -12.78 33.27 23.90
C SER A 1207 -12.96 34.77 24.06
N LEU A 1208 -11.90 35.52 23.77
CA LEU A 1208 -11.86 36.97 23.92
C LEU A 1208 -11.29 37.62 22.67
N ILE A 1209 -11.81 37.21 21.51
CA ILE A 1209 -11.33 37.72 20.23
C ILE A 1209 -11.53 39.23 20.19
N VAL A 1210 -10.43 39.96 20.11
CA VAL A 1210 -10.47 41.42 20.02
C VAL A 1210 -10.22 41.81 18.57
N ALA A 1211 -10.55 43.05 18.23
CA ALA A 1211 -10.40 43.51 16.87
C ALA A 1211 -10.37 45.03 16.85
N GLY A 1212 -9.24 45.61 16.44
CA GLY A 1212 -9.17 47.03 16.20
C GLY A 1212 -9.77 47.40 14.86
N LEU A 1213 -10.49 48.52 14.83
CA LEU A 1213 -11.24 48.94 13.66
C LEU A 1213 -10.67 50.25 13.13
N GLY A 1214 -10.87 50.48 11.83
CA GLY A 1214 -10.40 51.70 11.21
C GLY A 1214 -11.03 52.94 11.79
N ASP A 1215 -12.32 52.87 12.13
CA ASP A 1215 -12.99 54.03 12.72
C ASP A 1215 -12.39 54.40 14.07
N GLY A 1216 -12.04 53.40 14.88
CA GLY A 1216 -11.45 53.64 16.18
C GLY A 1216 -11.96 52.70 17.25
N SER A 1217 -13.13 52.10 17.03
CA SER A 1217 -13.70 51.20 18.01
C SER A 1217 -12.86 49.93 18.13
N ILE A 1218 -12.72 49.45 19.37
CA ILE A 1218 -12.05 48.19 19.66
C ILE A 1218 -13.14 47.25 20.18
N ARG A 1219 -13.52 46.29 19.36
CA ARG A 1219 -14.60 45.36 19.70
C ARG A 1219 -14.03 44.04 20.20
N VAL A 1220 -14.71 43.47 21.19
CA VAL A 1220 -14.32 42.21 21.81
C VAL A 1220 -15.40 41.18 21.53
N TYR A 1221 -14.98 40.00 21.07
CA TYR A 1221 -15.92 38.95 20.69
C TYR A 1221 -15.65 37.69 21.50
N ASP A 1222 -16.74 37.13 22.03
CA ASP A 1222 -16.71 35.86 22.77
C ASP A 1222 -17.51 34.85 21.96
N ARG A 1223 -16.83 33.82 21.45
CA ARG A 1223 -17.46 32.85 20.56
C ARG A 1223 -18.19 31.75 21.30
N ARG A 1224 -18.13 31.71 22.63
CA ARG A 1224 -18.81 30.67 23.37
C ARG A 1224 -20.33 30.76 23.19
N MET A 1225 -20.88 31.97 23.24
CA MET A 1225 -22.32 32.17 23.16
C MET A 1225 -22.75 32.29 21.71
N ALA A 1226 -24.02 32.64 21.49
CA ALA A 1226 -24.58 32.67 20.16
C ALA A 1226 -23.99 33.82 19.33
N LEU A 1227 -24.10 33.69 18.00
CA LEU A 1227 -23.51 34.68 17.11
C LEU A 1227 -24.10 36.07 17.35
N SER A 1228 -25.42 36.16 17.50
CA SER A 1228 -26.05 37.44 17.74
C SER A 1228 -25.60 38.09 19.04
N GLU A 1229 -25.25 37.28 20.05
CA GLU A 1229 -24.75 37.78 21.32
C GLU A 1229 -23.24 37.68 21.44
N CYS A 1230 -22.54 37.35 20.35
CA CYS A 1230 -21.08 37.23 20.42
C CYS A 1230 -20.45 38.55 20.85
N ARG A 1231 -20.96 39.67 20.36
CA ARG A 1231 -20.45 40.97 20.78
C ARG A 1231 -20.57 41.11 22.29
N VAL A 1232 -19.48 41.54 22.91
CA VAL A 1232 -19.41 41.69 24.37
C VAL A 1232 -19.37 43.16 24.77
N MET A 1233 -18.36 43.89 24.31
CA MET A 1233 -18.24 45.30 24.61
C MET A 1233 -17.77 46.05 23.37
N THR A 1234 -18.15 47.32 23.28
CA THR A 1234 -17.80 48.19 22.15
C THR A 1234 -17.62 49.60 22.70
N TYR A 1235 -16.38 50.02 22.84
CA TYR A 1235 -16.03 51.35 23.35
C TYR A 1235 -15.29 52.11 22.27
N ARG A 1236 -15.71 53.36 22.04
CA ARG A 1236 -15.19 54.20 20.98
C ARG A 1236 -14.56 55.45 21.59
N GLU A 1237 -13.23 55.49 21.63
CA GLU A 1237 -12.49 56.65 22.10
C GLU A 1237 -11.39 57.06 21.14
N HIS A 1238 -11.39 56.52 19.92
CA HIS A 1238 -10.43 56.88 18.89
C HIS A 1238 -11.18 57.29 17.64
N THR A 1239 -10.58 58.20 16.87
CA THR A 1239 -11.03 58.51 15.51
C THR A 1239 -9.78 58.44 14.63
N ALA A 1240 -9.38 57.22 14.27
CA ALA A 1240 -8.24 56.98 13.41
C ALA A 1240 -8.11 55.47 13.23
N TRP A 1241 -7.26 55.06 12.30
CA TRP A 1241 -6.97 53.65 12.10
C TRP A 1241 -6.22 53.10 13.31
N VAL A 1242 -6.73 52.01 13.88
CA VAL A 1242 -6.09 51.41 15.05
C VAL A 1242 -4.90 50.57 14.56
N VAL A 1243 -3.69 51.03 14.86
CA VAL A 1243 -2.50 50.38 14.33
C VAL A 1243 -2.40 48.95 14.82
N LYS A 1244 -2.59 48.74 16.13
CA LYS A 1244 -2.49 47.39 16.68
C LYS A 1244 -3.25 47.35 18.00
N ALA A 1245 -4.40 46.70 18.00
CA ALA A 1245 -5.18 46.49 19.22
C ALA A 1245 -4.85 45.12 19.83
N SER A 1246 -3.58 44.95 20.15
CA SER A 1246 -3.10 43.67 20.65
C SER A 1246 -3.61 43.42 22.06
N LEU A 1247 -3.47 42.16 22.50
CA LEU A 1247 -3.94 41.72 23.80
C LEU A 1247 -2.82 40.99 24.52
N GLN A 1248 -2.80 41.12 25.85
CA GLN A 1248 -1.80 40.48 26.69
C GLN A 1248 -2.27 39.08 27.07
N LYS A 1249 -1.37 38.11 26.98
CA LYS A 1249 -1.71 36.73 27.27
C LYS A 1249 -1.94 36.47 28.75
N ARG A 1250 -1.63 37.42 29.61
CA ARG A 1250 -1.86 37.25 31.04
C ARG A 1250 -3.35 37.16 31.33
N PRO A 1251 -3.74 36.54 32.45
CA PRO A 1251 -5.17 36.47 32.78
C PRO A 1251 -5.84 37.84 32.83
N ASP A 1252 -5.14 38.84 33.35
CA ASP A 1252 -5.66 40.21 33.39
C ASP A 1252 -5.31 40.93 32.08
N GLY A 1253 -5.94 40.46 31.01
CA GLY A 1253 -5.69 41.00 29.69
C GLY A 1253 -5.94 42.50 29.62
N HIS A 1254 -4.98 43.23 29.07
CA HIS A 1254 -5.07 44.68 28.92
C HIS A 1254 -4.89 45.01 27.44
N ILE A 1255 -5.99 45.31 26.76
CA ILE A 1255 -5.95 45.59 25.33
C ILE A 1255 -5.23 46.92 25.13
N VAL A 1256 -4.00 46.86 24.63
CA VAL A 1256 -3.21 48.06 24.36
C VAL A 1256 -3.54 48.48 22.94
N SER A 1257 -4.49 49.41 22.79
CA SER A 1257 -4.95 49.86 21.48
C SER A 1257 -4.36 51.24 21.21
N VAL A 1258 -3.74 51.40 20.04
CA VAL A 1258 -3.13 52.66 19.62
C VAL A 1258 -3.60 52.96 18.21
N SER A 1259 -3.98 54.21 17.97
CA SER A 1259 -4.46 54.64 16.67
C SER A 1259 -3.40 55.52 16.00
N VAL A 1260 -3.73 55.98 14.78
CA VAL A 1260 -2.81 56.86 14.05
C VAL A 1260 -2.55 58.13 14.86
N ASN A 1261 -3.55 58.57 15.64
CA ASN A 1261 -3.34 59.72 16.50
C ASN A 1261 -2.24 59.48 17.53
N GLY A 1262 -1.89 58.23 17.79
CA GLY A 1262 -0.81 57.91 18.70
C GLY A 1262 -1.18 57.89 20.17
N ASP A 1263 -2.46 57.98 20.50
CA ASP A 1263 -2.89 57.96 21.90
C ASP A 1263 -3.12 56.52 22.34
N VAL A 1264 -2.47 56.13 23.43
CA VAL A 1264 -2.61 54.78 23.96
C VAL A 1264 -3.74 54.75 24.97
N ARG A 1265 -4.65 53.79 24.82
CA ARG A 1265 -5.76 53.60 25.76
C ARG A 1265 -5.84 52.12 26.11
N ILE A 1266 -5.39 51.77 27.32
CA ILE A 1266 -5.41 50.39 27.78
C ILE A 1266 -6.82 50.08 28.24
N PHE A 1267 -7.40 49.02 27.70
CA PHE A 1267 -8.76 48.61 28.00
C PHE A 1267 -8.78 47.23 28.63
N ASP A 1268 -9.90 46.92 29.28
CA ASP A 1268 -10.13 45.62 29.90
C ASP A 1268 -11.46 45.06 29.44
N PRO A 1269 -11.58 43.72 29.37
CA PRO A 1269 -12.85 43.14 28.92
C PRO A 1269 -13.98 43.28 29.93
N ARG A 1270 -13.70 43.76 31.15
CA ARG A 1270 -14.71 43.88 32.19
C ARG A 1270 -14.99 45.32 32.57
N MET A 1271 -14.46 46.29 31.83
CA MET A 1271 -14.67 47.71 32.10
C MET A 1271 -14.96 48.43 30.79
N PRO A 1272 -16.12 49.07 30.64
CA PRO A 1272 -16.43 49.75 29.37
C PRO A 1272 -15.67 51.05 29.15
N GLU A 1273 -14.70 51.35 30.01
CA GLU A 1273 -13.92 52.57 29.90
C GLU A 1273 -12.43 52.26 30.03
N SER A 1274 -11.61 53.11 29.42
CA SER A 1274 -10.17 52.93 29.45
C SER A 1274 -9.64 53.11 30.86
N VAL A 1275 -8.57 52.38 31.18
CA VAL A 1275 -7.95 52.47 32.49
C VAL A 1275 -6.78 53.44 32.49
N ASN A 1276 -5.96 53.41 31.44
CA ASN A 1276 -4.82 54.31 31.30
C ASN A 1276 -4.87 54.98 29.94
N VAL A 1277 -4.75 56.31 29.93
CA VAL A 1277 -4.77 57.10 28.71
C VAL A 1277 -3.42 57.79 28.57
N LEU A 1278 -2.73 57.52 27.45
CA LEU A 1278 -1.42 58.10 27.18
C LEU A 1278 -1.42 58.71 25.79
N GLN A 1279 -0.58 59.73 25.61
CA GLN A 1279 -0.35 60.35 24.31
C GLN A 1279 1.15 60.33 24.05
N ILE A 1280 1.55 59.81 22.89
CA ILE A 1280 2.96 59.56 22.58
C ILE A 1280 3.42 60.38 21.37
N VAL A 1281 2.83 60.12 20.20
CA VAL A 1281 3.25 60.75 18.95
C VAL A 1281 2.01 61.30 18.25
N LYS A 1282 2.12 62.52 17.73
CA LYS A 1282 1.02 63.10 16.97
C LYS A 1282 0.74 62.29 15.71
N GLY A 1283 1.80 61.94 14.98
CA GLY A 1283 1.66 61.11 13.80
C GLY A 1283 2.38 59.78 13.93
N LEU A 1284 1.62 58.69 14.00
CA LEU A 1284 2.17 57.35 14.19
C LEU A 1284 1.97 56.53 12.93
N THR A 1285 2.95 55.69 12.61
CA THR A 1285 2.94 54.88 11.39
C THR A 1285 2.85 53.39 11.67
N ALA A 1286 3.59 52.89 12.66
CA ALA A 1286 3.57 51.47 12.97
C ALA A 1286 4.05 51.27 14.40
N LEU A 1287 3.71 50.10 14.96
CA LEU A 1287 4.10 49.77 16.33
C LEU A 1287 3.92 48.28 16.55
N ASP A 1288 4.53 47.79 17.63
CA ASP A 1288 4.38 46.42 18.05
C ASP A 1288 4.48 46.35 19.58
N ILE A 1289 3.93 45.27 20.13
CA ILE A 1289 3.84 45.11 21.57
C ILE A 1289 4.38 43.73 21.95
N HIS A 1290 4.97 43.65 23.14
CA HIS A 1290 5.61 42.44 23.63
C HIS A 1290 4.81 41.89 24.80
N PRO A 1291 4.21 40.70 24.71
CA PRO A 1291 3.33 40.25 25.80
C PRO A 1291 4.06 40.01 27.12
N GLN A 1292 5.23 39.38 27.11
CA GLN A 1292 5.92 39.09 28.36
C GLN A 1292 6.40 40.36 29.04
N ALA A 1293 7.08 41.23 28.29
CA ALA A 1293 7.57 42.50 28.80
C ALA A 1293 6.72 43.62 28.21
N ASP A 1294 6.12 44.43 29.09
CA ASP A 1294 5.22 45.48 28.64
C ASP A 1294 5.99 46.61 28.00
N LEU A 1295 6.61 46.33 26.85
CA LEU A 1295 7.38 47.32 26.09
C LEU A 1295 6.62 47.61 24.80
N ILE A 1296 6.14 48.84 24.66
CA ILE A 1296 5.42 49.26 23.47
C ILE A 1296 6.41 50.02 22.57
N ALA A 1297 6.68 49.47 21.39
CA ALA A 1297 7.60 50.09 20.45
C ALA A 1297 6.79 50.84 19.39
N CYS A 1298 7.04 52.13 19.26
CA CYS A 1298 6.33 52.99 18.32
C CYS A 1298 7.27 53.50 17.25
N GLY A 1299 6.67 54.08 16.20
CA GLY A 1299 7.42 54.68 15.11
C GLY A 1299 7.19 56.18 15.03
N SER A 1300 7.81 56.77 14.02
CA SER A 1300 7.69 58.21 13.81
C SER A 1300 8.08 58.53 12.37
N VAL A 1301 7.64 59.70 11.90
CA VAL A 1301 7.99 60.14 10.55
C VAL A 1301 9.38 60.75 10.54
N ASN A 1302 9.86 61.25 11.68
CA ASN A 1302 11.15 61.90 11.79
C ASN A 1302 12.26 60.95 12.24
N GLN A 1303 12.15 59.66 11.91
CA GLN A 1303 13.13 58.62 12.21
C GLN A 1303 13.14 58.23 13.68
N PHE A 1304 12.35 58.88 14.52
CA PHE A 1304 12.33 58.52 15.93
C PHE A 1304 11.66 57.17 16.14
N THR A 1305 12.12 56.45 17.17
CA THR A 1305 11.58 55.13 17.49
C THR A 1305 11.51 55.04 19.02
N ALA A 1306 10.35 55.36 19.58
CA ALA A 1306 10.15 55.36 21.02
C ALA A 1306 9.72 53.98 21.48
N ILE A 1307 10.45 53.42 22.43
CA ILE A 1307 10.10 52.14 23.04
C ILE A 1307 9.72 52.41 24.48
N TYR A 1308 8.43 52.66 24.73
CA TYR A 1308 7.96 53.09 26.04
C TYR A 1308 7.34 51.92 26.79
N ASN A 1309 6.87 52.21 28.00
CA ASN A 1309 6.31 51.22 28.92
C ASN A 1309 4.80 51.38 29.00
N SER A 1310 4.15 50.36 29.59
CA SER A 1310 2.72 50.43 29.78
C SER A 1310 2.33 51.64 30.64
N SER A 1311 3.21 52.04 31.56
CA SER A 1311 2.97 53.22 32.39
C SER A 1311 3.29 54.52 31.66
N GLY A 1312 3.86 54.44 30.46
CA GLY A 1312 4.22 55.63 29.70
C GLY A 1312 5.55 56.21 30.05
N GLU A 1313 6.31 55.60 30.95
CA GLU A 1313 7.61 56.12 31.33
C GLU A 1313 8.57 56.06 30.15
N LEU A 1314 9.28 57.16 29.93
CA LEU A 1314 10.26 57.22 28.84
C LEU A 1314 11.39 56.25 29.14
N ILE A 1315 11.78 55.46 28.13
CA ILE A 1315 12.86 54.50 28.29
C ILE A 1315 13.92 54.79 27.24
N ASN A 1316 13.56 54.71 25.96
CA ASN A 1316 14.49 54.99 24.87
C ASN A 1316 13.82 55.85 23.82
N ASN A 1317 14.63 56.62 23.11
CA ASN A 1317 14.20 57.37 21.93
C ASN A 1317 15.33 57.22 20.90
N ILE A 1318 15.24 56.18 20.08
CA ILE A 1318 16.33 55.83 19.18
C ILE A 1318 16.30 56.74 17.97
N LYS A 1319 17.43 57.38 17.69
CA LYS A 1319 17.59 58.24 16.52
C LYS A 1319 18.29 57.47 15.42
N TYR A 1320 17.72 57.50 14.22
CA TYR A 1320 18.29 56.77 13.09
C TYR A 1320 19.42 57.56 12.45
N ALA A 1331 10.26 56.36 7.12
CA ALA A 1331 9.08 55.87 7.83
C ALA A 1331 9.31 54.45 8.34
N ILE A 1332 9.14 54.26 9.65
CA ILE A 1332 9.30 52.95 10.27
C ILE A 1332 7.96 52.22 10.10
N SER A 1333 7.91 51.29 9.16
CA SER A 1333 6.66 50.64 8.79
C SER A 1333 6.57 49.20 9.25
N CYS A 1334 7.52 48.72 10.06
CA CYS A 1334 7.47 47.34 10.53
C CYS A 1334 8.30 47.22 11.80
N LEU A 1335 7.62 46.97 12.92
CA LEU A 1335 8.25 46.61 14.18
C LEU A 1335 7.78 45.22 14.56
N ALA A 1336 8.64 44.48 15.27
CA ALA A 1336 8.30 43.14 15.72
C ALA A 1336 9.10 42.79 16.95
N PHE A 1337 8.44 42.19 17.93
CA PHE A 1337 9.06 41.78 19.18
C PHE A 1337 9.19 40.27 19.22
N HIS A 1338 10.37 39.77 19.56
CA HIS A 1338 10.53 38.33 19.74
C HIS A 1338 9.61 37.87 20.86
N PRO A 1339 8.81 36.83 20.65
CA PRO A 1339 7.80 36.47 21.66
C PRO A 1339 8.38 36.11 23.01
N HIS A 1340 9.67 35.73 23.07
CA HIS A 1340 10.31 35.38 24.32
C HIS A 1340 11.42 36.36 24.70
N TRP A 1341 12.39 36.58 23.81
CA TRP A 1341 13.48 37.49 24.10
C TRP A 1341 12.99 38.94 24.04
N PRO A 1342 13.72 39.87 24.68
CA PRO A 1342 13.44 41.30 24.53
C PRO A 1342 14.03 41.89 23.25
N HIS A 1343 13.82 41.20 22.14
CA HIS A 1343 14.39 41.59 20.85
C HIS A 1343 13.34 42.35 20.03
N LEU A 1344 13.79 43.44 19.41
CA LEU A 1344 12.93 44.27 18.57
C LEU A 1344 13.60 44.47 17.21
N ALA A 1345 12.82 44.28 16.15
CA ALA A 1345 13.28 44.50 14.78
C ALA A 1345 12.64 45.77 14.23
N VAL A 1346 13.46 46.63 13.65
CA VAL A 1346 13.01 47.91 13.10
C VAL A 1346 13.38 47.94 11.63
N GLY A 1347 12.39 48.18 10.77
CA GLY A 1347 12.61 48.34 9.35
C GLY A 1347 12.08 49.67 8.85
N SER A 1348 12.98 50.57 8.45
CA SER A 1348 12.59 51.90 8.02
C SER A 1348 11.99 51.85 6.62
N ASN A 1349 11.57 53.02 6.12
CA ASN A 1349 11.08 53.09 4.75
C ASN A 1349 12.15 52.66 3.77
N ASP A 1350 13.39 53.08 4.00
CA ASP A 1350 14.52 52.50 3.29
C ASP A 1350 14.63 51.02 3.65
N TYR A 1351 15.11 50.23 2.70
CA TYR A 1351 15.01 48.78 2.82
C TYR A 1351 16.07 48.22 3.76
N TYR A 1352 16.16 48.78 4.97
CA TYR A 1352 17.14 48.35 5.96
C TYR A 1352 16.43 47.60 7.08
N ILE A 1353 17.08 46.54 7.59
CA ILE A 1353 16.54 45.71 8.65
C ILE A 1353 17.55 45.69 9.80
N SER A 1354 17.07 45.96 11.01
CA SER A 1354 17.90 45.91 12.20
C SER A 1354 17.11 45.23 13.31
N VAL A 1355 17.85 44.57 14.22
CA VAL A 1355 17.26 43.95 15.40
C VAL A 1355 18.00 44.50 16.61
N TYR A 1356 17.26 44.83 17.66
CA TYR A 1356 17.81 45.44 18.86
C TYR A 1356 17.65 44.51 20.06
N SER A 1357 18.59 44.63 20.99
CA SER A 1357 18.57 43.83 22.21
C SER A 1357 19.13 44.65 23.35
N VAL A 1358 18.86 44.20 24.57
CA VAL A 1358 19.31 44.88 25.79
C VAL A 1358 20.60 44.21 26.21
N GLU A 1359 21.73 44.86 25.91
CA GLU A 1359 23.04 44.36 26.28
C GLU A 1359 23.22 42.90 25.86
N ARG B 399 -5.62 -27.17 -10.17
CA ARG B 399 -4.60 -26.72 -9.23
C ARG B 399 -3.56 -27.79 -8.98
N VAL B 400 -2.34 -27.37 -8.63
CA VAL B 400 -1.27 -28.32 -8.38
C VAL B 400 -1.61 -29.20 -7.18
N PHE B 401 -2.12 -28.60 -6.11
CA PHE B 401 -2.42 -29.29 -4.87
C PHE B 401 -3.93 -29.46 -4.71
N PHE B 402 -4.33 -30.12 -3.63
CA PHE B 402 -5.73 -30.48 -3.39
C PHE B 402 -6.15 -29.81 -2.08
N MET B 403 -6.89 -28.71 -2.20
CA MET B 403 -7.44 -28.03 -1.03
C MET B 403 -8.72 -28.73 -0.59
N ASP B 404 -8.77 -29.15 0.66
CA ASP B 404 -9.90 -29.87 1.20
C ASP B 404 -10.63 -29.04 2.25
N ASP B 405 -11.77 -29.54 2.69
CA ASP B 405 -12.58 -28.95 3.74
C ASP B 405 -13.05 -27.54 3.41
N VAL B 406 -13.13 -27.20 2.13
CA VAL B 406 -13.67 -25.91 1.71
C VAL B 406 -15.17 -26.04 1.52
N GLU B 407 -15.91 -25.92 2.62
CA GLU B 407 -17.36 -26.10 2.60
C GLU B 407 -17.73 -27.46 2.00
#